data_3ZPX
#
_entry.id   3ZPX
#
_cell.length_a   54.753
_cell.length_b   100.150
_cell.length_c   129.158
_cell.angle_alpha   90.00
_cell.angle_beta   90.00
_cell.angle_gamma   90.00
#
_symmetry.space_group_name_H-M   'P 21 21 21'
#
loop_
_entity.id
_entity.type
_entity.pdbx_description
1 polymer LIPASE
2 non-polymer DI(HYDROXYETHYL)ETHER
3 non-polymer 1,2-ETHANEDIOL
4 non-polymer 'TETRAETHYLENE GLYCOL'
5 water water
#
_entity_poly.entity_id   1
_entity_poly.type   'polypeptide(L)'
_entity_poly.pdbx_seq_one_letter_code
;AAFADPNDDLFYTTPDNINTYANGQVIQSRKADTDIGNSNKVEAFQLQYRTTNTQKEAQANVATVWIPNKPASPPKIFSY
QVYQDSTQLNCAPSYSFLKGLDKPNKATTILEAPIIIGWALQQGFYVVSSDHEGPRSSFIAGYEEGMAILDGIRALKNYA
KLPTDSAIGFYGYSGGAHATGWAANLAGSYAPEHNIIGAAYGGLPASARDTFNFLNKGAFAGFAIAGVSGLALAYPDVET
YIQSRLNAKGEKVFKQVRSRGFCIGQVVLTYPFVDAYSLINDTNLLNEEPVASTLKSETLVQAEASYTVPVPKFPRFIWH
ALLDEIVPFHSAATYVKEQCSKGADINWNVYSFAEHISAELFGLLPGLDWLNKAYKGQAPKVPCGGGAQSVMGASGPPAQ
DVLGADLASQLRSLQGKPSAFGNKPFGSISPAAASFLEQKLISEEDLNSAVDHHHHHH
;
_entity_poly.pdbx_strand_id   A,B
#
loop_
_chem_comp.id
_chem_comp.type
_chem_comp.name
_chem_comp.formula
EDO non-polymer 1,2-ETHANEDIOL 'C2 H6 O2'
PEG non-polymer DI(HYDROXYETHYL)ETHER 'C4 H10 O3'
PG4 non-polymer 'TETRAETHYLENE GLYCOL' 'C8 H18 O5'
#
# COMPACT_ATOMS: atom_id res chain seq x y z
N ALA A 4 18.61 -1.66 17.36
CA ALA A 4 17.94 -2.47 18.42
C ALA A 4 16.41 -2.43 18.32
N ASP A 5 15.77 -3.54 18.65
CA ASP A 5 14.32 -3.53 18.87
C ASP A 5 14.01 -2.53 20.00
N PRO A 6 12.89 -1.78 19.90
CA PRO A 6 12.58 -0.83 20.97
C PRO A 6 12.35 -1.47 22.34
N ASN A 7 11.90 -2.72 22.35
CA ASN A 7 11.74 -3.45 23.59
C ASN A 7 13.07 -3.66 24.30
N ASP A 8 14.18 -3.58 23.55
CA ASP A 8 15.53 -3.77 24.09
C ASP A 8 16.39 -2.50 24.03
N ASP A 9 15.74 -1.33 24.05
CA ASP A 9 16.41 -0.04 23.81
C ASP A 9 16.08 0.97 24.94
N LEU A 10 17.11 1.43 25.66
CA LEU A 10 16.92 2.35 26.81
C LEU A 10 16.28 3.69 26.43
N PHE A 11 16.42 4.07 25.16
CA PHE A 11 15.81 5.28 24.60
C PHE A 11 14.27 5.29 24.70
N TYR A 12 13.67 4.11 24.84
CA TYR A 12 12.23 4.00 24.99
C TYR A 12 11.80 3.83 26.45
N THR A 13 12.73 3.99 27.38
CA THR A 13 12.39 3.85 28.80
C THR A 13 12.27 5.22 29.45
N THR A 14 11.46 5.29 30.47
CA THR A 14 11.25 6.53 31.21
C THR A 14 12.24 6.55 32.38
N PRO A 15 13.10 7.58 32.47
CA PRO A 15 14.07 7.64 33.57
C PRO A 15 13.38 7.93 34.90
N ASP A 16 14.07 7.68 36.01
CA ASP A 16 13.50 7.91 37.36
C ASP A 16 13.14 9.38 37.60
N ASN A 17 13.92 10.29 37.02
CA ASN A 17 13.72 11.72 37.20
C ASN A 17 12.80 12.37 36.15
N ILE A 18 11.94 11.58 35.50
CA ILE A 18 11.03 12.11 34.47
C ILE A 18 10.29 13.40 34.91
N ASN A 19 9.94 13.53 36.20
CA ASN A 19 9.20 14.72 36.66
C ASN A 19 9.94 16.06 36.62
N THR A 20 11.24 16.00 36.42
CA THR A 20 12.08 17.20 36.42
C THR A 20 12.18 17.82 35.03
N TYR A 21 11.54 17.19 34.05
CA TYR A 21 11.43 17.77 32.73
C TYR A 21 9.99 18.20 32.51
N ALA A 22 9.81 19.39 31.92
CA ALA A 22 8.48 19.88 31.51
C ALA A 22 7.98 19.20 30.24
N ASN A 23 6.67 19.22 30.07
CA ASN A 23 6.03 18.73 28.87
C ASN A 23 6.66 19.30 27.62
N GLY A 24 7.05 18.40 26.71
CA GLY A 24 7.63 18.79 25.43
C GLY A 24 9.13 18.95 25.47
N GLN A 25 9.70 18.83 26.64
CA GLN A 25 11.12 19.02 26.81
C GLN A 25 11.94 17.81 26.37
N VAL A 26 13.08 18.07 25.71
CA VAL A 26 13.95 17.04 25.16
C VAL A 26 14.90 16.51 26.25
N ILE A 27 14.82 15.20 26.51
CA ILE A 27 15.67 14.54 27.51
C ILE A 27 17.02 14.21 26.89
N GLN A 28 16.98 13.68 25.66
CA GLN A 28 18.18 13.40 24.89
C GLN A 28 17.77 13.24 23.44
N SER A 29 18.77 13.27 22.56
CA SER A 29 18.57 13.13 21.13
C SER A 29 19.64 12.21 20.54
N ARG A 30 19.30 11.54 19.43
CA ARG A 30 20.30 10.80 18.66
C ARG A 30 20.00 10.88 17.17
N LYS A 31 21.05 10.70 16.38
CA LYS A 31 20.95 10.63 14.93
C LYS A 31 20.10 9.46 14.53
N ALA A 32 19.26 9.67 13.52
CA ALA A 32 18.35 8.66 13.05
C ALA A 32 18.62 8.37 11.58
N ASP A 33 18.98 7.13 11.29
CA ASP A 33 19.23 6.72 9.93
C ASP A 33 17.89 6.25 9.37
N THR A 34 17.17 7.15 8.70
CA THR A 34 15.83 6.87 8.16
C THR A 34 15.82 6.73 6.62
N ASP A 35 14.81 6.08 6.08
CA ASP A 35 14.63 5.97 4.63
C ASP A 35 14.34 7.32 4.02
N ILE A 36 13.42 8.05 4.64
CA ILE A 36 12.92 9.32 4.10
C ILE A 36 13.98 10.42 4.19
N GLY A 37 14.76 10.41 5.26
CA GLY A 37 15.84 11.37 5.42
C GLY A 37 17.00 11.10 4.45
N ASN A 38 17.33 9.81 4.29
CA ASN A 38 18.36 9.42 3.33
C ASN A 38 17.97 9.77 1.89
N SER A 39 16.68 9.62 1.57
CA SER A 39 16.18 9.91 0.22
C SER A 39 15.94 11.39 -0.08
N ASN A 40 15.87 12.23 0.97
CA ASN A 40 15.83 13.68 0.80
C ASN A 40 17.17 14.34 1.12
N LYS A 41 18.17 13.53 1.49
CA LYS A 41 19.51 14.00 1.82
C LYS A 41 19.46 15.09 2.89
N VAL A 42 18.85 14.71 4.02
CA VAL A 42 18.50 15.60 5.13
C VAL A 42 18.93 14.94 6.44
N GLU A 43 19.21 15.76 7.45
CA GLU A 43 19.51 15.28 8.81
C GLU A 43 18.21 14.90 9.55
N ALA A 44 18.16 13.67 10.07
CA ALA A 44 17.04 13.19 10.85
C ALA A 44 17.49 12.81 12.26
N PHE A 45 16.57 12.89 13.21
CA PHE A 45 16.92 12.66 14.61
C PHE A 45 15.78 12.01 15.37
N GLN A 46 16.13 11.25 16.40
CA GLN A 46 15.14 10.79 17.36
C GLN A 46 15.29 11.64 18.60
N LEU A 47 14.15 12.10 19.13
CA LEU A 47 14.14 12.85 20.38
C LEU A 47 13.43 12.02 21.41
N GLN A 48 14.06 11.87 22.57
CA GLN A 48 13.37 11.37 23.74
C GLN A 48 12.92 12.62 24.48
N TYR A 49 11.62 12.73 24.73
CA TYR A 49 11.05 13.94 25.28
C TYR A 49 10.01 13.59 26.35
N ARG A 50 9.76 14.52 27.27
CA ARG A 50 8.81 14.30 28.37
C ARG A 50 7.42 14.61 27.86
N THR A 51 6.47 13.78 28.26
CA THR A 51 5.06 14.01 27.99
C THR A 51 4.22 13.56 29.20
N THR A 52 2.91 13.51 29.01
CA THR A 52 2.01 13.19 30.08
C THR A 52 0.98 12.18 29.61
N ASN A 53 0.74 11.14 30.42
CA ASN A 53 -0.13 10.03 30.02
C ASN A 53 -1.58 10.30 30.41
N THR A 54 -2.43 9.30 30.21
CA THR A 54 -3.87 9.48 30.40
C THR A 54 -4.24 9.77 31.85
N GLN A 55 -3.48 9.22 32.79
CA GLN A 55 -3.74 9.46 34.21
C GLN A 55 -2.98 10.69 34.72
N LYS A 56 -2.50 11.52 33.80
CA LYS A 56 -1.74 12.73 34.10
C LYS A 56 -0.43 12.44 34.81
N GLU A 57 0.24 11.36 34.43
CA GLU A 57 1.56 11.02 34.97
C GLU A 57 2.65 11.31 33.94
N ALA A 58 3.80 11.76 34.42
CA ALA A 58 4.94 12.01 33.54
C ALA A 58 5.41 10.73 32.88
N GLN A 59 5.75 10.80 31.59
CA GLN A 59 6.42 9.68 30.92
C GLN A 59 7.30 10.21 29.79
N ALA A 60 8.32 9.43 29.45
CA ALA A 60 9.16 9.69 28.29
C ALA A 60 8.49 9.13 27.04
N ASN A 61 8.66 9.82 25.92
CA ASN A 61 8.20 9.31 24.64
C ASN A 61 9.22 9.61 23.55
N VAL A 62 9.11 8.93 22.41
CA VAL A 62 10.00 9.14 21.27
C VAL A 62 9.28 9.79 20.07
N ALA A 63 9.95 10.75 19.43
CA ALA A 63 9.51 11.29 18.15
C ALA A 63 10.67 11.30 17.15
N THR A 64 10.32 11.38 15.87
CA THR A 64 11.29 11.45 14.80
C THR A 64 11.18 12.83 14.16
N VAL A 65 12.32 13.46 13.90
CA VAL A 65 12.31 14.77 13.27
C VAL A 65 13.29 14.87 12.09
N TRP A 66 12.82 15.52 11.03
CA TRP A 66 13.62 15.80 9.85
C TRP A 66 13.87 17.31 9.73
N ILE A 67 15.13 17.70 9.53
CA ILE A 67 15.55 19.09 9.47
C ILE A 67 15.86 19.45 8.01
N PRO A 68 15.15 20.42 7.43
CA PRO A 68 15.41 20.72 6.03
C PRO A 68 16.77 21.39 5.89
N ASN A 69 17.41 21.22 4.75
CA ASN A 69 18.74 21.79 4.50
C ASN A 69 18.66 23.29 4.28
N LYS A 70 17.59 23.73 3.62
CA LYS A 70 17.29 25.15 3.45
C LYS A 70 15.97 25.50 4.13
N PRO A 71 16.00 25.74 5.45
CA PRO A 71 14.76 26.01 6.16
C PRO A 71 14.04 27.21 5.58
N ALA A 72 12.75 27.07 5.28
CA ALA A 72 11.94 28.22 4.90
C ALA A 72 11.94 29.22 6.05
N SER A 73 11.81 30.50 5.71
CA SER A 73 11.75 31.59 6.70
C SER A 73 10.47 32.40 6.48
N PRO A 74 9.71 32.69 7.55
CA PRO A 74 9.94 32.28 8.93
C PRO A 74 9.74 30.77 9.08
N PRO A 75 10.26 30.18 10.18
CA PRO A 75 10.18 28.73 10.36
C PRO A 75 8.77 28.15 10.39
N LYS A 76 8.58 27.05 9.67
CA LYS A 76 7.31 26.34 9.60
C LYS A 76 7.49 24.86 9.98
N ILE A 77 6.51 24.32 10.70
CA ILE A 77 6.57 22.95 11.22
C ILE A 77 5.44 22.13 10.66
N PHE A 78 5.74 20.88 10.29
CA PHE A 78 4.74 19.94 9.77
C PHE A 78 4.70 18.66 10.61
N SER A 79 3.54 18.36 11.19
CA SER A 79 3.39 17.20 12.06
C SER A 79 2.59 16.14 11.34
N TYR A 80 3.26 15.03 11.04
CA TYR A 80 2.65 13.91 10.30
C TYR A 80 2.30 12.75 11.24
N GLN A 81 1.04 12.31 11.22
CA GLN A 81 0.59 11.23 12.10
C GLN A 81 0.45 9.92 11.29
N VAL A 82 1.17 8.90 11.73
CA VAL A 82 1.15 7.57 11.08
C VAL A 82 -0.10 6.80 11.51
N TYR A 83 -0.67 5.98 10.62
CA TYR A 83 -1.71 5.03 11.05
C TYR A 83 -1.07 3.74 11.62
N GLN A 84 -0.47 3.85 12.80
CA GLN A 84 0.22 2.71 13.38
C GLN A 84 -0.71 1.51 13.55
N ASP A 85 -1.91 1.75 14.09
CA ASP A 85 -2.98 0.75 14.09
C ASP A 85 -2.56 -0.59 14.73
N SER A 86 -1.94 -0.54 15.90
CA SER A 86 -1.42 -1.76 16.55
C SER A 86 -0.99 -1.48 18.00
N THR A 87 -0.88 -2.53 18.81
CA THR A 87 -0.64 -2.37 20.23
C THR A 87 0.60 -3.13 20.67
N GLN A 88 1.71 -2.84 20.00
CA GLN A 88 3.01 -3.40 20.32
C GLN A 88 4.09 -2.37 19.99
N LEU A 89 5.09 -2.27 20.86
CA LEU A 89 6.09 -1.20 20.77
C LEU A 89 6.99 -1.25 19.54
N ASN A 90 7.33 -2.43 19.03
CA ASN A 90 8.17 -2.47 17.82
C ASN A 90 7.40 -2.17 16.55
N CYS A 91 6.09 -1.93 16.65
CA CYS A 91 5.32 -1.32 15.55
C CYS A 91 5.35 0.21 15.52
N ALA A 92 6.00 0.85 16.49
CA ALA A 92 6.00 2.32 16.62
C ALA A 92 6.58 3.05 15.40
N PRO A 93 6.04 4.25 15.08
CA PRO A 93 6.58 4.96 13.92
C PRO A 93 8.11 5.15 13.96
N SER A 94 8.67 5.56 15.09
CA SER A 94 10.11 5.79 15.20
C SER A 94 10.92 4.65 14.61
N TYR A 95 10.62 3.43 15.07
CA TYR A 95 11.34 2.24 14.62
C TYR A 95 11.04 1.92 13.15
N SER A 96 9.78 2.09 12.79
CA SER A 96 9.31 1.90 11.43
C SER A 96 9.94 2.83 10.40
N PHE A 97 10.34 4.04 10.80
CA PHE A 97 10.98 5.02 9.90
C PHE A 97 12.47 4.73 9.65
N LEU A 98 13.06 3.87 10.47
CA LEU A 98 14.49 3.61 10.37
C LEU A 98 14.77 2.80 9.11
N LYS A 99 15.93 3.09 8.50
CA LYS A 99 16.34 2.50 7.24
C LYS A 99 16.06 1.01 7.25
N GLY A 100 15.39 0.53 6.21
CA GLY A 100 15.31 -0.92 5.97
C GLY A 100 13.91 -1.51 6.00
N LEU A 101 13.55 -2.10 4.87
CA LEU A 101 12.50 -3.10 4.76
C LEU A 101 12.02 -3.78 6.05
N ASP A 102 12.96 -4.21 6.87
CA ASP A 102 12.73 -5.27 7.86
C ASP A 102 12.13 -4.79 9.20
N LYS A 103 11.16 -3.90 9.14
CA LYS A 103 10.46 -3.47 10.35
C LYS A 103 9.07 -4.08 10.32
N PRO A 104 8.61 -4.61 11.46
CA PRO A 104 7.35 -5.35 11.45
C PRO A 104 6.11 -4.50 11.06
N ASN A 105 6.15 -3.18 11.25
CA ASN A 105 5.05 -2.29 10.84
C ASN A 105 5.48 -1.34 9.70
N LYS A 106 6.44 -1.79 8.92
CA LYS A 106 6.98 -1.00 7.81
C LYS A 106 5.90 -0.43 6.88
N ALA A 107 4.88 -1.24 6.63
CA ALA A 107 3.76 -0.85 5.75
C ALA A 107 3.26 0.56 6.03
N THR A 108 3.27 0.95 7.31
CA THR A 108 2.70 2.22 7.73
C THR A 108 3.55 3.46 7.45
N THR A 109 4.84 3.27 7.16
CA THR A 109 5.75 4.41 6.96
C THR A 109 6.36 4.45 5.55
N ILE A 110 5.80 3.65 4.65
CA ILE A 110 6.39 3.34 3.37
C ILE A 110 5.54 3.71 2.12
N LEU A 111 4.27 4.06 2.28
CA LEU A 111 3.44 4.46 1.13
C LEU A 111 3.33 5.99 0.99
N GLU A 112 2.40 6.59 1.72
CA GLU A 112 2.15 8.03 1.63
C GLU A 112 3.22 8.81 2.40
N ALA A 113 3.69 8.26 3.52
CA ALA A 113 4.61 9.01 4.37
C ALA A 113 5.79 9.59 3.60
N PRO A 114 6.43 8.78 2.73
CA PRO A 114 7.58 9.32 2.00
C PRO A 114 7.21 10.49 1.09
N ILE A 115 6.04 10.45 0.47
CA ILE A 115 5.59 11.56 -0.39
C ILE A 115 5.28 12.77 0.45
N ILE A 116 4.52 12.56 1.52
CA ILE A 116 4.01 13.66 2.33
C ILE A 116 5.16 14.36 3.04
N ILE A 117 6.02 13.58 3.67
CA ILE A 117 7.17 14.12 4.37
C ILE A 117 8.20 14.73 3.39
N GLY A 118 8.43 14.06 2.27
CA GLY A 118 9.23 14.63 1.19
C GLY A 118 8.66 15.95 0.72
N TRP A 119 7.35 15.99 0.51
CA TRP A 119 6.70 17.21 0.10
C TRP A 119 7.05 18.35 1.07
N ALA A 120 6.82 18.12 2.36
CA ALA A 120 7.07 19.11 3.39
C ALA A 120 8.54 19.56 3.36
N LEU A 121 9.44 18.59 3.29
CA LEU A 121 10.88 18.89 3.35
C LEU A 121 11.36 19.72 2.16
N GLN A 122 10.80 19.43 0.98
CA GLN A 122 11.14 20.15 -0.25
C GLN A 122 10.81 21.62 -0.14
N GLN A 123 9.71 21.94 0.52
CA GLN A 123 9.31 23.34 0.72
C GLN A 123 9.98 23.99 1.94
N GLY A 124 10.91 23.26 2.56
CA GLY A 124 11.74 23.80 3.61
C GLY A 124 11.11 23.75 4.98
N PHE A 125 10.14 22.87 5.21
CA PHE A 125 9.53 22.73 6.54
C PHE A 125 10.29 21.75 7.45
N TYR A 126 10.23 22.01 8.76
CA TYR A 126 10.67 21.07 9.77
C TYR A 126 9.56 20.02 9.94
N VAL A 127 9.93 18.76 10.02
CA VAL A 127 8.93 17.70 10.08
C VAL A 127 9.07 16.94 11.38
N VAL A 128 7.94 16.67 12.02
CA VAL A 128 7.92 15.79 13.17
C VAL A 128 6.82 14.71 13.03
N SER A 129 7.16 13.47 13.39
CA SER A 129 6.18 12.40 13.52
C SER A 129 6.45 11.77 14.87
N SER A 130 5.45 11.83 15.74
CA SER A 130 5.61 11.35 17.11
C SER A 130 5.18 9.90 17.18
N ASP A 131 5.64 9.18 18.20
CA ASP A 131 5.12 7.87 18.53
C ASP A 131 3.92 8.17 19.39
N HIS A 132 2.81 8.46 18.71
CA HIS A 132 1.60 9.01 19.32
C HIS A 132 0.89 8.07 20.26
N GLU A 133 1.12 6.75 20.12
CA GLU A 133 0.53 5.75 21.03
C GLU A 133 1.28 5.65 22.35
N GLY A 134 2.46 6.25 22.44
CA GLY A 134 3.24 6.26 23.67
C GLY A 134 3.93 4.96 24.00
N PRO A 135 4.61 4.91 25.17
CA PRO A 135 5.35 3.70 25.50
C PRO A 135 4.46 2.50 25.81
N ARG A 136 3.17 2.74 26.08
CA ARG A 136 2.24 1.63 26.28
C ARG A 136 1.54 1.17 25.02
N SER A 137 1.88 1.77 23.88
CA SER A 137 1.25 1.40 22.60
C SER A 137 -0.29 1.45 22.66
N SER A 138 -0.81 2.54 23.22
CA SER A 138 -2.22 2.65 23.52
C SER A 138 -3.00 3.20 22.32
N PHE A 139 -3.04 2.40 21.26
CA PHE A 139 -3.82 2.63 20.06
C PHE A 139 -5.22 3.10 20.39
N ILE A 140 -5.55 4.27 19.84
CA ILE A 140 -6.88 4.85 19.89
C ILE A 140 -7.25 5.51 21.23
N ALA A 141 -6.29 5.62 22.15
CA ALA A 141 -6.46 6.42 23.37
C ALA A 141 -6.14 7.89 23.05
N GLY A 142 -7.20 8.67 22.89
CA GLY A 142 -7.14 10.01 22.33
C GLY A 142 -6.42 11.06 23.15
N TYR A 143 -6.58 11.02 24.47
CA TYR A 143 -5.88 11.94 25.37
C TYR A 143 -4.38 11.66 25.35
N GLU A 144 -3.99 10.38 25.41
CA GLU A 144 -2.57 9.99 25.24
C GLU A 144 -2.00 10.45 23.89
N GLU A 145 -2.72 10.14 22.81
CA GLU A 145 -2.31 10.49 21.43
C GLU A 145 -2.18 11.99 21.25
N GLY A 146 -3.21 12.71 21.65
CA GLY A 146 -3.21 14.17 21.61
C GLY A 146 -2.04 14.81 22.35
N MET A 147 -1.82 14.42 23.60
CA MET A 147 -0.74 15.04 24.38
CA MET A 147 -0.73 15.00 24.40
C MET A 147 0.63 14.65 23.81
N ALA A 148 0.83 13.37 23.51
CA ALA A 148 2.07 12.90 22.89
C ALA A 148 2.46 13.71 21.64
N ILE A 149 1.49 13.97 20.78
CA ILE A 149 1.73 14.69 19.53
C ILE A 149 2.06 16.16 19.78
N LEU A 150 1.31 16.79 20.69
CA LEU A 150 1.54 18.21 20.99
C LEU A 150 2.86 18.41 21.73
N ASP A 151 3.24 17.43 22.56
CA ASP A 151 4.54 17.47 23.18
C ASP A 151 5.67 17.16 22.18
N GLY A 152 5.39 16.32 21.18
CA GLY A 152 6.37 16.03 20.17
C GLY A 152 6.69 17.26 19.32
N ILE A 153 5.67 18.06 19.04
CA ILE A 153 5.86 19.34 18.36
C ILE A 153 6.65 20.28 19.25
N ARG A 154 6.34 20.28 20.54
CA ARG A 154 7.13 21.06 21.49
C ARG A 154 8.60 20.64 21.46
N ALA A 155 8.85 19.33 21.50
CA ALA A 155 10.21 18.82 21.47
C ALA A 155 10.98 19.26 20.23
N LEU A 156 10.32 19.26 19.07
CA LEU A 156 10.95 19.77 17.83
C LEU A 156 11.35 21.26 17.93
N LYS A 157 10.43 22.12 18.36
CA LYS A 157 10.73 23.56 18.57
C LYS A 157 11.91 23.79 19.48
N ASN A 158 11.91 23.05 20.58
CA ASN A 158 12.98 23.11 21.54
C ASN A 158 14.30 22.68 20.89
N TYR A 159 14.28 21.52 20.22
CA TYR A 159 15.52 20.97 19.65
C TYR A 159 16.11 21.85 18.55
N ALA A 160 15.26 22.35 17.66
CA ALA A 160 15.73 23.17 16.55
C ALA A 160 15.72 24.66 16.90
N LYS A 161 15.44 24.97 18.16
CA LYS A 161 15.46 26.36 18.67
C LYS A 161 14.60 27.28 17.80
N LEU A 162 13.36 26.86 17.59
CA LEU A 162 12.45 27.55 16.70
C LEU A 162 11.53 28.51 17.46
N PRO A 163 11.11 29.61 16.81
CA PRO A 163 10.24 30.58 17.48
C PRO A 163 8.96 29.95 18.02
N THR A 164 8.50 30.44 19.16
CA THR A 164 7.29 29.93 19.78
C THR A 164 6.09 29.96 18.83
N ASP A 165 6.04 30.98 17.99
CA ASP A 165 4.91 31.20 17.09
C ASP A 165 5.11 30.56 15.70
N SER A 166 6.10 29.70 15.56
CA SER A 166 6.31 28.96 14.31
C SER A 166 5.02 28.30 13.89
N ALA A 167 4.63 28.53 12.65
CA ALA A 167 3.37 28.01 12.15
C ALA A 167 3.42 26.48 12.07
N ILE A 168 2.34 25.84 12.50
CA ILE A 168 2.25 24.40 12.58
C ILE A 168 1.06 23.91 11.77
N GLY A 169 1.28 22.90 10.94
CA GLY A 169 0.20 22.20 10.19
C GLY A 169 0.24 20.70 10.47
N PHE A 170 -0.90 20.02 10.30
CA PHE A 170 -1.03 18.59 10.56
C PHE A 170 -1.58 17.82 9.37
N TYR A 171 -1.13 16.57 9.23
CA TYR A 171 -1.73 15.62 8.31
C TYR A 171 -1.86 14.25 8.97
N GLY A 172 -3.02 13.63 8.77
CA GLY A 172 -3.21 12.22 9.16
C GLY A 172 -4.42 11.56 8.53
N TYR A 173 -4.29 10.25 8.26
CA TYR A 173 -5.40 9.47 7.73
C TYR A 173 -5.75 8.28 8.65
N SER A 174 -7.05 8.10 8.90
CA SER A 174 -7.60 6.93 9.59
C SER A 174 -7.08 6.87 11.02
N GLY A 175 -6.28 5.85 11.37
CA GLY A 175 -5.57 5.88 12.66
C GLY A 175 -4.81 7.18 12.91
N GLY A 176 -4.14 7.68 11.88
CA GLY A 176 -3.45 8.96 11.95
C GLY A 176 -4.42 10.13 12.04
N ALA A 177 -5.65 9.97 11.56
CA ALA A 177 -6.66 11.04 11.69
C ALA A 177 -7.27 11.09 13.09
N HIS A 178 -7.38 9.93 13.71
CA HIS A 178 -7.82 9.88 15.09
C HIS A 178 -6.81 10.65 15.92
N ALA A 179 -5.53 10.35 15.68
CA ALA A 179 -4.42 11.02 16.35
C ALA A 179 -4.38 12.52 16.12
N THR A 180 -4.44 12.94 14.86
CA THR A 180 -4.47 14.36 14.54
C THR A 180 -5.70 15.04 15.14
N GLY A 181 -6.84 14.36 15.07
CA GLY A 181 -8.09 14.92 15.57
C GLY A 181 -8.07 15.19 17.07
N TRP A 182 -7.39 14.32 17.80
CA TRP A 182 -7.20 14.48 19.24
C TRP A 182 -6.15 15.51 19.60
N ALA A 183 -5.10 15.64 18.78
CA ALA A 183 -4.16 16.75 18.96
C ALA A 183 -4.89 18.09 18.79
N ALA A 184 -5.71 18.18 17.75
CA ALA A 184 -6.56 19.35 17.54
C ALA A 184 -7.50 19.58 18.74
N ASN A 185 -8.19 18.53 19.16
CA ASN A 185 -9.11 18.59 20.31
C ASN A 185 -8.45 19.20 21.55
N LEU A 186 -7.21 18.78 21.84
CA LEU A 186 -6.53 19.17 23.08
C LEU A 186 -5.59 20.38 22.97
N ALA A 187 -5.39 20.87 21.75
CA ALA A 187 -4.38 21.90 21.50
C ALA A 187 -4.61 23.18 22.32
N GLY A 188 -5.84 23.65 22.35
CA GLY A 188 -6.15 24.90 23.04
C GLY A 188 -5.90 24.82 24.53
N SER A 189 -6.27 23.71 25.16
CA SER A 189 -6.12 23.54 26.61
C SER A 189 -4.72 23.04 27.04
N TYR A 190 -4.10 22.20 26.24
CA TYR A 190 -2.87 21.54 26.63
C TYR A 190 -1.63 22.24 26.05
N ALA A 191 -1.74 22.82 24.87
CA ALA A 191 -0.58 23.46 24.22
C ALA A 191 -0.98 24.74 23.46
N PRO A 192 -1.43 25.77 24.21
CA PRO A 192 -1.95 27.02 23.63
C PRO A 192 -0.91 27.86 22.90
N GLU A 193 0.37 27.61 23.16
CA GLU A 193 1.46 28.29 22.48
C GLU A 193 1.68 27.83 21.04
N HIS A 194 1.15 26.67 20.67
CA HIS A 194 1.25 26.23 19.28
C HIS A 194 0.37 27.07 18.35
N ASN A 195 1.01 27.74 17.41
CA ASN A 195 0.33 28.54 16.37
C ASN A 195 -0.06 27.63 15.23
N ILE A 196 -1.28 27.09 15.30
CA ILE A 196 -1.72 26.05 14.37
C ILE A 196 -2.48 26.69 13.23
N ILE A 197 -1.94 26.57 12.04
CA ILE A 197 -2.52 27.20 10.86
C ILE A 197 -3.39 26.27 10.03
N GLY A 198 -3.48 25.01 10.43
CA GLY A 198 -4.37 24.07 9.76
C GLY A 198 -4.11 22.62 10.08
N ALA A 199 -5.15 21.82 10.02
CA ALA A 199 -5.00 20.37 10.11
C ALA A 199 -5.88 19.76 9.03
N ALA A 200 -5.28 18.85 8.26
CA ALA A 200 -5.95 18.11 7.21
C ALA A 200 -6.00 16.66 7.61
N TYR A 201 -7.20 16.11 7.68
CA TYR A 201 -7.36 14.73 8.09
C TYR A 201 -8.59 14.06 7.60
N GLY A 202 -8.45 12.75 7.34
CA GLY A 202 -9.48 11.99 6.64
C GLY A 202 -9.71 10.64 7.24
N GLY A 203 -10.88 10.09 7.01
CA GLY A 203 -11.27 8.81 7.60
C GLY A 203 -11.26 8.83 9.11
N LEU A 204 -11.68 9.93 9.70
CA LEU A 204 -11.67 10.13 11.15
C LEU A 204 -12.55 9.15 11.92
N PRO A 205 -11.94 8.30 12.76
CA PRO A 205 -12.75 7.54 13.70
C PRO A 205 -13.10 8.45 14.91
N ALA A 206 -14.24 9.12 14.77
CA ALA A 206 -14.70 10.12 15.74
C ALA A 206 -15.10 9.52 17.07
N SER A 207 -15.65 8.30 17.02
CA SER A 207 -16.16 7.63 18.22
C SER A 207 -15.55 6.24 18.34
N ALA A 208 -14.87 5.98 19.45
CA ALA A 208 -14.32 4.63 19.68
C ALA A 208 -15.45 3.59 19.64
N ARG A 209 -16.54 3.88 20.35
CA ARG A 209 -17.66 2.95 20.43
C ARG A 209 -18.28 2.67 19.06
N ASP A 210 -18.51 3.72 18.27
CA ASP A 210 -19.14 3.57 16.94
C ASP A 210 -18.25 2.78 16.00
N THR A 211 -16.95 3.01 16.09
CA THR A 211 -16.00 2.37 15.21
C THR A 211 -15.87 0.90 15.56
N PHE A 212 -15.89 0.60 16.85
CA PHE A 212 -15.89 -0.79 17.32
C PHE A 212 -17.09 -1.56 16.76
N ASN A 213 -18.28 -0.98 16.86
CA ASN A 213 -19.50 -1.65 16.36
C ASN A 213 -19.51 -1.79 14.84
N PHE A 214 -18.94 -0.81 14.16
CA PHE A 214 -18.86 -0.83 12.70
C PHE A 214 -17.89 -1.90 12.19
N LEU A 215 -16.85 -2.19 12.98
CA LEU A 215 -15.79 -3.14 12.62
C LEU A 215 -16.04 -4.57 13.08
N ASN A 216 -16.54 -4.72 14.31
CA ASN A 216 -16.68 -6.06 14.90
C ASN A 216 -17.44 -7.01 13.95
N LYS A 217 -17.04 -8.27 13.91
CA LYS A 217 -17.61 -9.31 13.03
C LYS A 217 -17.37 -9.11 11.52
N GLY A 218 -16.77 -7.98 11.14
CA GLY A 218 -16.48 -7.71 9.72
C GLY A 218 -15.06 -8.09 9.35
N ALA A 219 -14.71 -7.83 8.08
CA ALA A 219 -13.43 -8.23 7.50
C ALA A 219 -12.26 -7.59 8.24
N PHE A 220 -12.51 -6.40 8.77
CA PHE A 220 -11.52 -5.63 9.48
C PHE A 220 -11.76 -5.65 10.98
N ALA A 221 -12.34 -6.74 11.46
CA ALA A 221 -12.57 -6.95 12.89
C ALA A 221 -11.29 -6.88 13.72
N GLY A 222 -10.13 -7.18 13.12
CA GLY A 222 -8.85 -7.07 13.83
C GLY A 222 -8.62 -5.73 14.52
N PHE A 223 -9.01 -4.65 13.86
CA PHE A 223 -8.84 -3.32 14.39
C PHE A 223 -9.76 -3.03 15.56
N ALA A 224 -10.92 -3.68 15.59
CA ALA A 224 -11.76 -3.64 16.79
C ALA A 224 -11.02 -4.27 17.98
N ILE A 225 -10.37 -5.40 17.73
CA ILE A 225 -9.64 -6.10 18.79
C ILE A 225 -8.48 -5.24 19.27
N ALA A 226 -7.74 -4.68 18.31
CA ALA A 226 -6.60 -3.82 18.62
C ALA A 226 -7.03 -2.57 19.37
N GLY A 227 -8.20 -2.02 19.03
CA GLY A 227 -8.71 -0.85 19.74
C GLY A 227 -9.03 -1.12 21.18
N VAL A 228 -9.66 -2.26 21.46
CA VAL A 228 -9.92 -2.65 22.84
C VAL A 228 -8.60 -2.90 23.58
N SER A 229 -7.67 -3.58 22.91
CA SER A 229 -6.33 -3.74 23.45
C SER A 229 -5.74 -2.39 23.80
N GLY A 230 -5.83 -1.42 22.88
CA GLY A 230 -5.20 -0.10 23.05
C GLY A 230 -5.78 0.75 24.18
N LEU A 231 -7.10 0.79 24.30
CA LEU A 231 -7.75 1.49 25.39
C LEU A 231 -7.37 0.90 26.73
N ALA A 232 -7.34 -0.42 26.79
CA ALA A 232 -6.96 -1.11 28.01
C ALA A 232 -5.56 -0.74 28.45
N LEU A 233 -4.65 -0.53 27.49
CA LEU A 233 -3.28 -0.10 27.81
C LEU A 233 -3.17 1.34 28.31
N ALA A 234 -4.17 2.16 28.01
CA ALA A 234 -4.18 3.54 28.49
C ALA A 234 -4.88 3.65 29.86
N TYR A 235 -5.73 2.68 30.16
CA TYR A 235 -6.59 2.75 31.36
C TYR A 235 -6.43 1.49 32.21
N PRO A 236 -5.58 1.55 33.26
CA PRO A 236 -5.35 0.39 34.11
C PRO A 236 -6.64 -0.22 34.66
N ASP A 237 -7.63 0.59 34.99
CA ASP A 237 -8.89 0.04 35.50
C ASP A 237 -9.62 -0.74 34.39
N VAL A 238 -9.49 -0.30 33.15
CA VAL A 238 -10.06 -1.00 32.00
C VAL A 238 -9.28 -2.29 31.73
N GLU A 239 -7.96 -2.23 31.82
CA GLU A 239 -7.14 -3.45 31.67
C GLU A 239 -7.62 -4.52 32.66
N THR A 240 -7.76 -4.12 33.92
CA THR A 240 -8.15 -5.03 34.99
C THR A 240 -9.51 -5.64 34.67
N TYR A 241 -10.46 -4.78 34.29
CA TYR A 241 -11.81 -5.26 33.96
C TYR A 241 -11.81 -6.16 32.74
N ILE A 242 -11.12 -5.77 31.69
CA ILE A 242 -11.10 -6.59 30.47
C ILE A 242 -10.45 -7.94 30.72
N GLN A 243 -9.29 -7.94 31.36
CA GLN A 243 -8.61 -9.19 31.71
C GLN A 243 -9.55 -10.13 32.47
N SER A 244 -10.42 -9.57 33.31
CA SER A 244 -11.29 -10.40 34.15
C SER A 244 -12.34 -11.13 33.34
N ARG A 245 -12.74 -10.57 32.20
CA ARG A 245 -13.78 -11.15 31.36
C ARG A 245 -13.26 -12.09 30.28
N LEU A 246 -11.95 -12.06 30.00
CA LEU A 246 -11.41 -12.84 28.89
C LEU A 246 -11.53 -14.34 29.15
N ASN A 247 -12.06 -15.08 28.19
CA ASN A 247 -12.02 -16.54 28.29
C ASN A 247 -10.65 -17.00 27.79
N ALA A 248 -10.43 -18.31 27.72
CA ALA A 248 -9.12 -18.85 27.30
C ALA A 248 -8.69 -18.33 25.94
N LYS A 249 -9.62 -18.33 25.00
CA LYS A 249 -9.40 -17.82 23.64
C LYS A 249 -9.07 -16.33 23.68
N GLY A 250 -9.81 -15.58 24.49
CA GLY A 250 -9.56 -14.16 24.67
C GLY A 250 -8.18 -13.86 25.24
N GLU A 251 -7.75 -14.66 26.21
CA GLU A 251 -6.41 -14.48 26.78
C GLU A 251 -5.35 -14.68 25.71
N LYS A 252 -5.52 -15.71 24.87
CA LYS A 252 -4.58 -15.95 23.78
C LYS A 252 -4.55 -14.79 22.79
N VAL A 253 -5.72 -14.25 22.47
CA VAL A 253 -5.80 -13.24 21.45
C VAL A 253 -5.14 -11.96 21.95
N PHE A 254 -5.45 -11.57 23.19
CA PHE A 254 -4.88 -10.34 23.73
C PHE A 254 -3.37 -10.41 23.97
N LYS A 255 -2.84 -11.58 24.32
CA LYS A 255 -1.37 -11.78 24.31
C LYS A 255 -0.84 -11.64 22.88
N GLN A 256 -1.51 -12.29 21.94
CA GLN A 256 -1.08 -12.28 20.55
C GLN A 256 -1.01 -10.85 19.97
N VAL A 257 -2.10 -10.11 20.12
CA VAL A 257 -2.23 -8.76 19.56
C VAL A 257 -1.28 -7.76 20.25
N ARG A 258 -0.72 -8.16 21.38
CA ARG A 258 0.29 -7.37 22.06
C ARG A 258 1.71 -7.91 21.88
N SER A 259 1.86 -9.01 21.14
CA SER A 259 3.17 -9.67 21.01
C SER A 259 4.10 -8.96 20.04
N ARG A 260 5.40 -9.20 20.21
CA ARG A 260 6.42 -8.62 19.34
C ARG A 260 6.13 -8.91 17.87
N GLY A 261 6.22 -7.86 17.07
CA GLY A 261 6.04 -7.97 15.64
C GLY A 261 4.59 -8.07 15.20
N PHE A 262 3.63 -8.02 16.14
CA PHE A 262 2.26 -8.15 15.74
C PHE A 262 1.73 -6.78 15.40
N CYS A 263 1.82 -6.45 14.11
CA CYS A 263 1.56 -5.08 13.67
C CYS A 263 0.41 -5.05 12.66
N ILE A 264 0.33 -4.02 11.83
CA ILE A 264 -0.90 -3.75 11.07
C ILE A 264 -1.33 -4.91 10.17
N GLY A 265 -0.39 -5.55 9.51
CA GLY A 265 -0.72 -6.68 8.61
C GLY A 265 -1.23 -7.88 9.36
N GLN A 266 -0.60 -8.14 10.51
CA GLN A 266 -1.00 -9.23 11.39
C GLN A 266 -2.39 -8.95 11.93
N VAL A 267 -2.59 -7.75 12.42
CA VAL A 267 -3.90 -7.37 12.94
C VAL A 267 -5.00 -7.66 11.92
N VAL A 268 -4.84 -7.17 10.70
CA VAL A 268 -5.91 -7.28 9.70
C VAL A 268 -6.08 -8.74 9.24
N LEU A 269 -4.98 -9.43 8.98
CA LEU A 269 -5.03 -10.76 8.38
C LEU A 269 -5.24 -11.91 9.37
N THR A 270 -5.01 -11.68 10.66
CA THR A 270 -5.26 -12.74 11.65
C THR A 270 -6.71 -12.76 12.09
N TYR A 271 -7.41 -11.62 12.08
CA TYR A 271 -8.75 -11.58 12.68
C TYR A 271 -9.95 -11.27 11.78
N PRO A 272 -9.89 -11.63 10.49
CA PRO A 272 -11.09 -11.32 9.70
C PRO A 272 -12.38 -12.07 10.12
N PHE A 273 -13.43 -11.29 10.31
CA PHE A 273 -14.75 -11.81 10.71
C PHE A 273 -14.81 -12.37 12.14
N VAL A 274 -13.81 -12.09 12.97
CA VAL A 274 -13.85 -12.49 14.36
C VAL A 274 -14.94 -11.66 15.10
N ASP A 275 -15.63 -12.29 16.03
CA ASP A 275 -16.55 -11.60 16.91
C ASP A 275 -15.84 -11.39 18.23
N ALA A 276 -15.58 -10.14 18.56
CA ALA A 276 -14.90 -9.79 19.81
C ALA A 276 -15.55 -10.36 21.06
N TYR A 277 -16.88 -10.45 21.06
CA TYR A 277 -17.65 -11.02 22.18
C TYR A 277 -17.35 -12.49 22.45
N SER A 278 -16.92 -13.21 21.42
CA SER A 278 -16.47 -14.61 21.60
C SER A 278 -15.16 -14.73 22.39
N LEU A 279 -14.50 -13.61 22.66
CA LEU A 279 -13.32 -13.59 23.52
C LEU A 279 -13.67 -13.38 25.00
N ILE A 280 -14.95 -13.17 25.29
CA ILE A 280 -15.42 -12.98 26.66
C ILE A 280 -16.76 -13.69 26.91
N ASN A 281 -17.23 -13.66 28.15
CA ASN A 281 -18.56 -14.19 28.51
C ASN A 281 -19.42 -13.02 28.98
N ASP A 282 -19.23 -11.88 28.31
CA ASP A 282 -19.78 -10.61 28.77
C ASP A 282 -20.26 -9.80 27.55
N THR A 283 -21.42 -10.20 27.01
CA THR A 283 -22.00 -9.53 25.85
C THR A 283 -22.41 -8.07 26.15
N ASN A 284 -22.43 -7.71 27.43
CA ASN A 284 -22.53 -6.31 27.87
C ASN A 284 -21.17 -5.67 28.14
N LEU A 285 -20.13 -6.14 27.44
CA LEU A 285 -18.77 -5.60 27.58
C LEU A 285 -18.73 -4.09 27.63
N LEU A 286 -19.26 -3.46 26.58
CA LEU A 286 -19.16 -2.01 26.42
C LEU A 286 -20.06 -1.21 27.36
N ASN A 287 -20.97 -1.92 28.06
CA ASN A 287 -22.05 -1.30 28.83
C ASN A 287 -21.89 -1.42 30.33
N GLU A 288 -20.68 -1.73 30.79
CA GLU A 288 -20.37 -1.79 32.20
C GLU A 288 -19.20 -0.88 32.53
N GLU A 289 -19.15 -0.45 33.80
CA GLU A 289 -18.02 0.31 34.30
C GLU A 289 -16.82 -0.62 34.49
N PRO A 290 -15.59 -0.10 34.25
CA PRO A 290 -15.22 1.25 33.84
C PRO A 290 -15.22 1.50 32.33
N VAL A 291 -15.56 0.51 31.51
CA VAL A 291 -15.52 0.65 30.06
C VAL A 291 -16.49 1.73 29.54
N ALA A 292 -17.74 1.72 29.99
CA ALA A 292 -18.76 2.61 29.44
C ALA A 292 -18.38 4.07 29.63
N SER A 293 -18.00 4.44 30.83
CA SER A 293 -17.64 5.84 31.09
C SER A 293 -16.32 6.20 30.42
N THR A 294 -15.44 5.21 30.19
CA THR A 294 -14.20 5.44 29.48
C THR A 294 -14.53 5.81 28.03
N LEU A 295 -15.47 5.09 27.44
CA LEU A 295 -15.89 5.36 26.06
C LEU A 295 -16.57 6.73 25.91
N LYS A 296 -17.26 7.22 26.95
CA LYS A 296 -17.87 8.56 26.86
C LYS A 296 -16.81 9.66 26.96
N SER A 297 -15.63 9.34 27.48
CA SER A 297 -14.49 10.27 27.41
C SER A 297 -13.78 10.18 26.06
N GLU A 298 -13.78 8.98 25.44
CA GLU A 298 -12.98 8.68 24.24
C GLU A 298 -13.77 8.85 22.94
N THR A 299 -14.57 9.90 22.88
CA THR A 299 -15.33 10.22 21.69
C THR A 299 -15.24 11.72 21.47
N LEU A 300 -15.36 12.12 20.21
CA LEU A 300 -15.42 13.51 19.83
C LEU A 300 -16.86 13.90 19.50
N VAL A 301 -17.78 12.96 19.56
CA VAL A 301 -19.17 13.23 19.25
C VAL A 301 -19.88 13.71 20.52
N GLN A 302 -20.33 14.95 20.51
CA GLN A 302 -20.87 15.62 21.70
C GLN A 302 -22.10 14.92 22.24
N ALA A 303 -22.94 14.41 21.33
CA ALA A 303 -24.16 13.67 21.70
C ALA A 303 -23.91 12.36 22.46
N GLU A 304 -22.66 11.91 22.45
CA GLU A 304 -22.21 10.71 23.17
C GLU A 304 -21.31 11.04 24.34
N ALA A 305 -20.69 12.21 24.30
CA ALA A 305 -19.59 12.51 25.19
C ALA A 305 -20.07 12.87 26.60
N SER A 306 -19.22 12.61 27.59
CA SER A 306 -19.50 12.97 28.98
C SER A 306 -18.83 14.30 29.37
N TYR A 307 -18.23 14.98 28.39
CA TYR A 307 -17.57 16.24 28.62
C TYR A 307 -17.92 17.20 27.49
N THR A 308 -17.59 18.47 27.69
CA THR A 308 -17.83 19.49 26.68
C THR A 308 -16.72 19.42 25.65
N VAL A 309 -17.07 18.93 24.46
CA VAL A 309 -16.08 18.65 23.44
C VAL A 309 -15.58 19.99 22.90
N PRO A 310 -14.25 20.17 22.90
CA PRO A 310 -13.67 21.39 22.35
C PRO A 310 -14.04 21.65 20.89
N VAL A 311 -14.07 22.91 20.50
CA VAL A 311 -14.32 23.28 19.11
C VAL A 311 -13.16 24.13 18.56
N PRO A 312 -12.07 23.48 18.09
CA PRO A 312 -10.94 24.22 17.47
C PRO A 312 -11.40 25.13 16.33
N LYS A 313 -10.96 26.39 16.35
CA LYS A 313 -11.39 27.41 15.40
C LYS A 313 -10.44 27.60 14.19
N PHE A 314 -9.21 27.10 14.24
CA PHE A 314 -8.27 27.22 13.10
C PHE A 314 -8.73 26.41 11.89
N PRO A 315 -8.23 26.73 10.69
CA PRO A 315 -8.72 26.03 9.51
C PRO A 315 -8.51 24.52 9.58
N ARG A 316 -9.54 23.77 9.23
CA ARG A 316 -9.42 22.32 9.12
C ARG A 316 -10.00 21.84 7.79
N PHE A 317 -9.43 20.74 7.29
CA PHE A 317 -9.80 20.11 6.04
C PHE A 317 -9.95 18.62 6.37
N ILE A 318 -11.18 18.16 6.31
CA ILE A 318 -11.53 16.83 6.74
C ILE A 318 -12.23 16.15 5.56
N TRP A 319 -11.90 14.90 5.31
CA TRP A 319 -12.52 14.15 4.23
C TRP A 319 -12.86 12.72 4.67
N HIS A 320 -13.83 12.10 4.00
CA HIS A 320 -14.27 10.74 4.30
C HIS A 320 -14.86 10.12 3.04
N ALA A 321 -14.61 8.83 2.83
CA ALA A 321 -15.36 8.07 1.85
C ALA A 321 -16.78 7.89 2.35
N LEU A 322 -17.76 8.19 1.50
CA LEU A 322 -19.16 8.03 1.86
C LEU A 322 -19.46 6.58 2.25
N LEU A 323 -18.97 5.63 1.45
CA LEU A 323 -19.17 4.21 1.74
C LEU A 323 -17.93 3.56 2.35
N ASP A 324 -17.27 4.28 3.25
CA ASP A 324 -16.15 3.72 4.00
C ASP A 324 -16.61 2.43 4.67
N GLU A 325 -15.90 1.33 4.41
CA GLU A 325 -16.30 0.03 4.95
C GLU A 325 -15.58 -0.27 6.27
N ILE A 326 -14.78 0.67 6.75
CA ILE A 326 -13.88 0.43 7.88
C ILE A 326 -14.17 1.37 9.03
N VAL A 327 -14.18 2.66 8.73
CA VAL A 327 -14.45 3.73 9.71
C VAL A 327 -15.75 4.41 9.28
N PRO A 328 -16.78 4.37 10.16
CA PRO A 328 -18.12 4.78 9.70
C PRO A 328 -18.21 6.27 9.31
N PHE A 329 -18.76 6.55 8.13
CA PHE A 329 -18.97 7.89 7.67
C PHE A 329 -19.86 8.71 8.62
N HIS A 330 -20.95 8.11 9.09
CA HIS A 330 -21.97 8.88 9.79
CA HIS A 330 -22.00 8.83 9.85
C HIS A 330 -21.46 9.53 11.07
N SER A 331 -20.64 8.82 11.85
CA SER A 331 -20.05 9.41 13.06
C SER A 331 -19.19 10.62 12.72
N ALA A 332 -18.44 10.55 11.62
CA ALA A 332 -17.57 11.67 11.24
C ALA A 332 -18.40 12.84 10.75
N ALA A 333 -19.45 12.55 9.98
CA ALA A 333 -20.38 13.59 9.52
C ALA A 333 -21.06 14.28 10.68
N THR A 334 -21.46 13.49 11.68
CA THR A 334 -22.06 14.03 12.90
C THR A 334 -21.12 14.96 13.67
N TYR A 335 -19.87 14.54 13.85
CA TYR A 335 -18.82 15.40 14.44
C TYR A 335 -18.74 16.75 13.73
N VAL A 336 -18.63 16.71 12.41
CA VAL A 336 -18.42 17.93 11.63
C VAL A 336 -19.60 18.88 11.77
N LYS A 337 -20.81 18.34 11.65
CA LYS A 337 -22.03 19.15 11.80
C LYS A 337 -22.06 19.80 13.18
N GLU A 338 -21.74 19.03 14.22
CA GLU A 338 -21.71 19.54 15.60
C GLU A 338 -20.70 20.67 15.70
N GLN A 339 -19.49 20.43 15.20
CA GLN A 339 -18.39 21.39 15.28
C GLN A 339 -18.74 22.68 14.57
N CYS A 340 -19.26 22.53 13.37
CA CYS A 340 -19.76 23.66 12.59
C CYS A 340 -20.84 24.48 13.30
N SER A 341 -21.77 23.83 14.00
CA SER A 341 -22.82 24.55 14.71
C SER A 341 -22.22 25.42 15.84
N LYS A 342 -21.01 25.10 16.28
CA LYS A 342 -20.36 25.89 17.32
C LYS A 342 -19.18 26.73 16.82
N GLY A 343 -19.16 27.04 15.52
CA GLY A 343 -18.24 28.04 14.96
C GLY A 343 -16.92 27.53 14.41
N ALA A 344 -16.83 26.21 14.19
CA ALA A 344 -15.65 25.62 13.62
C ALA A 344 -15.44 26.14 12.19
N ASP A 345 -14.22 25.95 11.68
CA ASP A 345 -13.87 26.19 10.27
C ASP A 345 -13.43 24.89 9.58
N ILE A 346 -14.41 24.14 9.09
CA ILE A 346 -14.15 22.85 8.53
C ILE A 346 -14.49 22.84 7.04
N ASN A 347 -13.47 22.58 6.24
CA ASN A 347 -13.56 22.34 4.80
C ASN A 347 -13.75 20.84 4.60
N TRP A 348 -14.98 20.46 4.28
CA TRP A 348 -15.48 19.09 4.41
C TRP A 348 -15.65 18.48 3.04
N ASN A 349 -14.99 17.35 2.82
CA ASN A 349 -14.97 16.73 1.50
C ASN A 349 -15.42 15.29 1.54
N VAL A 350 -16.58 15.03 0.97
CA VAL A 350 -17.15 13.71 0.94
C VAL A 350 -16.84 13.05 -0.40
N TYR A 351 -16.05 11.99 -0.37
CA TYR A 351 -15.70 11.30 -1.59
C TYR A 351 -16.71 10.20 -1.87
N SER A 352 -17.54 10.46 -2.87
CA SER A 352 -18.63 9.60 -3.31
C SER A 352 -18.13 8.32 -3.96
N PHE A 353 -16.91 8.37 -4.50
CA PHE A 353 -16.37 7.35 -5.42
C PHE A 353 -15.35 6.40 -4.79
N ALA A 354 -15.15 6.52 -3.48
CA ALA A 354 -14.06 5.82 -2.81
C ALA A 354 -14.56 5.04 -1.61
N GLU A 355 -13.81 4.02 -1.22
CA GLU A 355 -14.01 3.39 0.07
C GLU A 355 -12.82 3.81 0.92
N HIS A 356 -12.60 3.16 2.06
CA HIS A 356 -11.58 3.60 3.01
C HIS A 356 -10.18 3.78 2.42
N ILE A 357 -9.72 2.76 1.71
CA ILE A 357 -8.32 2.70 1.31
C ILE A 357 -8.06 3.65 0.14
N SER A 358 -8.98 3.72 -0.80
CA SER A 358 -8.80 4.64 -1.93
C SER A 358 -9.09 6.10 -1.52
N ALA A 359 -9.84 6.32 -0.43
CA ALA A 359 -10.03 7.70 0.06
C ALA A 359 -8.72 8.30 0.55
N GLU A 360 -7.86 7.42 1.09
CA GLU A 360 -6.51 7.77 1.46
C GLU A 360 -5.73 8.25 0.25
N LEU A 361 -5.84 7.51 -0.85
CA LEU A 361 -5.16 7.82 -2.09
C LEU A 361 -5.69 9.09 -2.74
N PHE A 362 -7.00 9.24 -2.81
CA PHE A 362 -7.60 10.35 -3.53
C PHE A 362 -7.68 11.67 -2.75
N GLY A 363 -7.51 11.61 -1.44
CA GLY A 363 -7.51 12.81 -0.61
C GLY A 363 -6.12 13.37 -0.38
N LEU A 364 -5.10 12.63 -0.77
CA LEU A 364 -3.70 13.02 -0.56
C LEU A 364 -3.35 14.37 -1.17
N LEU A 365 -3.54 14.49 -2.48
CA LEU A 365 -3.23 15.74 -3.17
C LEU A 365 -4.13 16.90 -2.75
N PRO A 366 -5.46 16.68 -2.68
CA PRO A 366 -6.34 17.75 -2.15
C PRO A 366 -5.95 18.20 -0.74
N GLY A 367 -5.70 17.25 0.15
CA GLY A 367 -5.26 17.58 1.51
C GLY A 367 -3.96 18.37 1.54
N LEU A 368 -3.00 17.94 0.76
CA LEU A 368 -1.68 18.60 0.70
C LEU A 368 -1.74 19.98 0.04
N ASP A 369 -2.50 20.07 -1.05
CA ASP A 369 -2.65 21.34 -1.74
C ASP A 369 -3.24 22.37 -0.77
N TRP A 370 -4.26 21.95 -0.04
CA TRP A 370 -4.92 22.80 0.95
C TRP A 370 -3.97 23.22 2.07
N LEU A 371 -3.21 22.27 2.61
CA LEU A 371 -2.30 22.57 3.70
C LEU A 371 -1.23 23.55 3.17
N ASN A 372 -0.85 23.41 1.91
CA ASN A 372 0.08 24.35 1.30
C ASN A 372 -0.51 25.78 1.27
N LYS A 373 -1.79 25.90 0.98
CA LYS A 373 -2.47 27.19 1.06
C LYS A 373 -2.54 27.74 2.49
N ALA A 374 -2.91 26.86 3.42
CA ALA A 374 -3.02 27.22 4.83
C ALA A 374 -1.75 27.85 5.40
N TYR A 375 -0.60 27.26 5.06
CA TYR A 375 0.71 27.79 5.50
C TYR A 375 0.96 29.22 5.02
N LYS A 376 0.34 29.60 3.91
CA LYS A 376 0.47 30.94 3.37
C LYS A 376 -0.69 31.88 3.77
N GLY A 377 -1.60 31.42 4.62
CA GLY A 377 -2.78 32.22 4.97
C GLY A 377 -3.81 32.23 3.85
N GLN A 378 -3.77 31.19 3.01
CA GLN A 378 -4.61 31.15 1.82
C GLN A 378 -5.63 30.02 1.87
N ALA A 379 -5.95 29.51 3.05
CA ALA A 379 -7.01 28.51 3.14
C ALA A 379 -8.32 29.18 2.68
N PRO A 380 -9.10 28.50 1.83
CA PRO A 380 -10.31 29.16 1.32
C PRO A 380 -11.38 29.34 2.40
N LYS A 381 -12.00 30.50 2.38
CA LYS A 381 -13.11 30.77 3.28
C LYS A 381 -14.34 30.12 2.68
N VAL A 382 -14.77 29.03 3.31
CA VAL A 382 -15.86 28.22 2.79
C VAL A 382 -16.86 28.00 3.91
N PRO A 383 -18.15 27.77 3.56
CA PRO A 383 -19.14 27.47 4.58
C PRO A 383 -18.76 26.20 5.35
N CYS A 384 -18.86 26.23 6.68
CA CYS A 384 -18.40 25.13 7.50
C CYS A 384 -19.22 23.88 7.18
N GLY A 385 -18.53 22.80 6.81
CA GLY A 385 -19.19 21.52 6.52
C GLY A 385 -19.98 21.53 5.23
N GLY A 386 -19.75 22.35 4.33
N ALA B 4 22.28 3.07 -10.86
CA ALA B 4 21.88 4.09 -11.87
C ALA B 4 20.47 3.85 -12.35
N ASP B 5 19.80 4.91 -12.79
CA ASP B 5 18.48 4.78 -13.43
C ASP B 5 18.56 3.80 -14.59
N PRO B 6 17.60 2.85 -14.69
CA PRO B 6 17.55 1.92 -15.83
C PRO B 6 17.72 2.58 -17.20
N ASN B 7 17.20 3.80 -17.36
CA ASN B 7 17.37 4.53 -18.62
C ASN B 7 18.84 4.85 -18.93
N ASP B 8 19.68 4.90 -17.91
CA ASP B 8 21.10 5.17 -18.09
C ASP B 8 21.95 3.94 -17.81
N ASP B 9 21.35 2.76 -17.90
CA ASP B 9 22.00 1.50 -17.55
C ASP B 9 21.97 0.55 -18.75
N LEU B 10 23.15 0.24 -19.26
CA LEU B 10 23.30 -0.67 -20.40
C LEU B 10 22.82 -2.10 -20.14
N PHE B 11 22.69 -2.47 -18.87
CA PHE B 11 22.11 -3.75 -18.49
C PHE B 11 20.70 -3.89 -19.04
N TYR B 12 20.03 -2.77 -19.33
CA TYR B 12 18.66 -2.81 -19.84
C TYR B 12 18.57 -2.67 -21.35
N THR B 13 19.71 -2.58 -22.04
CA THR B 13 19.72 -2.48 -23.51
C THR B 13 19.99 -3.83 -24.18
N THR B 14 19.50 -3.97 -25.40
CA THR B 14 19.67 -5.20 -26.15
C THR B 14 20.96 -5.11 -26.97
N PRO B 15 21.86 -6.09 -26.80
CA PRO B 15 23.10 -6.02 -27.60
C PRO B 15 22.84 -6.36 -29.08
N ASP B 16 23.74 -5.91 -29.96
CA ASP B 16 23.58 -6.13 -31.40
C ASP B 16 23.53 -7.62 -31.77
N ASN B 17 24.20 -8.48 -31.01
CA ASN B 17 24.19 -9.91 -31.31
C ASN B 17 23.12 -10.72 -30.55
N ILE B 18 22.02 -10.07 -30.17
CA ILE B 18 20.96 -10.75 -29.41
C ILE B 18 20.52 -12.08 -30.06
N ASN B 19 20.42 -12.09 -31.39
CA ASN B 19 19.95 -13.26 -32.16
C ASN B 19 20.77 -14.53 -32.02
N THR B 20 21.98 -14.39 -31.48
CA THR B 20 22.84 -15.53 -31.23
C THR B 20 22.49 -16.24 -29.93
N TYR B 21 21.71 -15.59 -29.07
CA TYR B 21 21.31 -16.18 -27.80
C TYR B 21 19.98 -16.90 -27.95
N ALA B 22 19.83 -18.02 -27.25
CA ALA B 22 18.55 -18.73 -27.22
C ALA B 22 17.63 -18.07 -26.21
N ASN B 23 16.33 -18.29 -26.38
CA ASN B 23 15.33 -17.85 -25.40
C ASN B 23 15.65 -18.41 -24.03
N GLY B 24 15.83 -17.51 -23.09
CA GLY B 24 16.10 -17.91 -21.70
C GLY B 24 17.59 -17.96 -21.39
N GLN B 25 18.44 -17.85 -22.40
CA GLN B 25 19.89 -17.88 -22.18
C GLN B 25 20.35 -16.62 -21.43
N VAL B 26 21.15 -16.82 -20.39
CA VAL B 26 21.65 -15.71 -19.61
C VAL B 26 22.74 -15.01 -20.44
N ILE B 27 22.57 -13.72 -20.66
CA ILE B 27 23.52 -12.90 -21.40
C ILE B 27 24.54 -12.34 -20.41
N GLN B 28 24.05 -11.88 -19.25
CA GLN B 28 24.95 -11.52 -18.15
C GLN B 28 24.23 -11.43 -16.80
N SER B 29 24.98 -11.55 -15.72
CA SER B 29 24.39 -11.48 -14.39
C SER B 29 25.19 -10.56 -13.50
N ARG B 30 24.54 -10.05 -12.46
CA ARG B 30 25.20 -9.16 -11.51
C ARG B 30 24.52 -9.23 -10.17
N LYS B 31 25.33 -9.12 -9.12
CA LYS B 31 24.80 -9.04 -7.76
C LYS B 31 23.80 -7.90 -7.66
N ALA B 32 22.72 -8.15 -6.94
CA ALA B 32 21.66 -7.19 -6.77
C ALA B 32 21.44 -6.94 -5.29
N ASP B 33 21.62 -5.70 -4.85
CA ASP B 33 21.39 -5.32 -3.46
C ASP B 33 19.91 -5.00 -3.26
N THR B 34 19.11 -6.00 -2.87
CA THR B 34 17.65 -5.84 -2.83
C THR B 34 17.14 -5.79 -1.38
N ASP B 35 16.00 -5.12 -1.17
CA ASP B 35 15.41 -5.07 0.17
C ASP B 35 15.15 -6.50 0.65
N ILE B 36 14.46 -7.27 -0.19
CA ILE B 36 14.00 -8.59 0.18
C ILE B 36 15.18 -9.56 0.34
N GLY B 37 16.24 -9.34 -0.41
CA GLY B 37 17.47 -10.10 -0.24
C GLY B 37 18.06 -9.85 1.13
N ASN B 38 18.20 -8.58 1.49
CA ASN B 38 18.78 -8.18 2.78
C ASN B 38 17.96 -8.65 3.99
N SER B 39 16.64 -8.44 3.96
CA SER B 39 15.79 -8.88 5.07
C SER B 39 15.87 -10.40 5.27
N ASN B 40 15.91 -11.15 4.16
CA ASN B 40 16.05 -12.61 4.22
C ASN B 40 17.49 -13.12 4.34
N LYS B 41 18.47 -12.21 4.30
CA LYS B 41 19.89 -12.58 4.37
C LYS B 41 20.20 -13.64 3.32
N VAL B 42 19.98 -13.25 2.07
CA VAL B 42 20.00 -14.16 0.92
C VAL B 42 20.71 -13.48 -0.25
N GLU B 43 21.31 -14.28 -1.13
CA GLU B 43 21.96 -13.77 -2.34
C GLU B 43 20.92 -13.52 -3.44
N ALA B 44 20.95 -12.33 -4.01
CA ALA B 44 20.07 -11.97 -5.11
C ALA B 44 20.89 -11.44 -6.26
N PHE B 45 20.40 -11.71 -7.47
CA PHE B 45 21.05 -11.27 -8.69
C PHE B 45 20.06 -10.72 -9.71
N GLN B 46 20.55 -9.84 -10.57
CA GLN B 46 19.84 -9.48 -11.79
C GLN B 46 20.40 -10.33 -12.93
N LEU B 47 19.51 -10.90 -13.71
CA LEU B 47 19.89 -11.62 -14.90
C LEU B 47 19.43 -10.83 -16.11
N GLN B 48 20.34 -10.60 -17.04
CA GLN B 48 19.98 -10.09 -18.37
C GLN B 48 19.90 -11.32 -19.26
N TYR B 49 18.75 -11.52 -19.87
CA TYR B 49 18.50 -12.73 -20.62
C TYR B 49 17.79 -12.39 -21.93
N ARG B 50 17.85 -13.35 -22.86
CA ARG B 50 17.22 -13.20 -24.15
C ARG B 50 15.79 -13.74 -24.09
N THR B 51 14.88 -13.01 -24.72
CA THR B 51 13.48 -13.42 -24.83
C THR B 51 12.98 -13.02 -26.20
N THR B 52 11.66 -13.03 -26.39
CA THR B 52 11.11 -12.79 -27.73
C THR B 52 9.94 -11.84 -27.59
N ASN B 53 9.87 -10.85 -28.49
CA ASN B 53 8.88 -9.79 -28.35
C ASN B 53 7.62 -10.12 -29.15
N THR B 54 6.68 -9.19 -29.14
CA THR B 54 5.38 -9.40 -29.80
C THR B 54 5.53 -9.68 -31.31
N GLN B 55 6.51 -9.06 -31.95
CA GLN B 55 6.73 -9.27 -33.38
C GLN B 55 7.64 -10.45 -33.64
N LYS B 56 7.86 -11.32 -32.63
CA LYS B 56 8.68 -12.54 -32.77
C LYS B 56 10.15 -12.24 -33.06
N GLU B 57 10.62 -11.09 -32.59
CA GLU B 57 12.01 -10.71 -32.74
C GLU B 57 12.68 -10.85 -31.38
N ALA B 58 14.00 -11.10 -31.41
CA ALA B 58 14.77 -11.33 -30.19
C ALA B 58 15.01 -10.01 -29.49
N GLN B 59 14.93 -10.02 -28.16
CA GLN B 59 15.33 -8.87 -27.37
C GLN B 59 15.81 -9.27 -26.00
N ALA B 60 16.51 -8.35 -25.35
CA ALA B 60 17.03 -8.60 -24.04
C ALA B 60 16.05 -8.06 -23.03
N ASN B 61 15.99 -8.77 -21.90
CA ASN B 61 15.18 -8.39 -20.76
C ASN B 61 15.93 -8.65 -19.45
N VAL B 62 15.37 -8.12 -18.36
CA VAL B 62 15.95 -8.26 -17.04
C VAL B 62 14.98 -8.96 -16.10
N ALA B 63 15.55 -9.84 -15.26
CA ALA B 63 14.80 -10.47 -14.19
C ALA B 63 15.64 -10.49 -12.92
N THR B 64 14.95 -10.51 -11.79
CA THR B 64 15.61 -10.62 -10.49
C THR B 64 15.37 -12.00 -9.92
N VAL B 65 16.44 -12.59 -9.39
CA VAL B 65 16.38 -13.91 -8.75
C VAL B 65 16.91 -13.87 -7.33
N TRP B 66 16.32 -14.68 -6.47
CA TRP B 66 16.75 -14.84 -5.08
C TRP B 66 17.07 -16.30 -4.87
N ILE B 67 18.25 -16.59 -4.36
CA ILE B 67 18.73 -17.96 -4.16
C ILE B 67 18.51 -18.28 -2.68
N PRO B 68 17.78 -19.36 -2.37
CA PRO B 68 17.59 -19.68 -0.95
C PRO B 68 18.87 -20.21 -0.29
N ASN B 69 19.02 -19.97 1.01
CA ASN B 69 20.19 -20.42 1.74
C ASN B 69 20.21 -21.95 1.88
N LYS B 70 19.04 -22.54 2.11
CA LYS B 70 18.91 -23.98 2.23
C LYS B 70 17.91 -24.51 1.19
N PRO B 71 18.39 -24.74 -0.05
CA PRO B 71 17.53 -25.18 -1.15
C PRO B 71 16.76 -26.46 -0.84
N ALA B 72 15.46 -26.48 -1.12
CA ALA B 72 14.69 -27.71 -0.98
C ALA B 72 15.06 -28.70 -2.10
N SER B 73 14.91 -30.00 -1.80
CA SER B 73 15.17 -31.07 -2.77
CA SER B 73 15.17 -31.07 -2.77
C SER B 73 13.89 -31.87 -3.03
N PRO B 74 13.55 -32.12 -4.31
CA PRO B 74 14.17 -31.63 -5.55
C PRO B 74 13.86 -30.13 -5.74
N PRO B 75 14.70 -29.42 -6.51
CA PRO B 75 14.56 -27.96 -6.69
C PRO B 75 13.14 -27.48 -7.05
N LYS B 76 12.69 -26.41 -6.39
CA LYS B 76 11.39 -25.81 -6.62
C LYS B 76 11.55 -24.31 -6.90
N ILE B 77 10.75 -23.81 -7.85
CA ILE B 77 10.85 -22.46 -8.37
C ILE B 77 9.53 -21.72 -8.14
N PHE B 78 9.61 -20.47 -7.69
CA PHE B 78 8.42 -19.63 -7.49
C PHE B 78 8.58 -18.38 -8.33
N SER B 79 7.63 -18.15 -9.23
CA SER B 79 7.63 -16.97 -10.11
C SER B 79 6.58 -15.98 -9.63
N TYR B 80 7.06 -14.82 -9.17
CA TYR B 80 6.22 -13.75 -8.62
C TYR B 80 6.09 -12.60 -9.60
N GLN B 81 4.85 -12.31 -10.01
CA GLN B 81 4.56 -11.21 -10.94
C GLN B 81 4.05 -9.92 -10.25
N VAL B 82 4.78 -8.83 -10.45
CA VAL B 82 4.50 -7.50 -9.85
C VAL B 82 3.40 -6.76 -10.60
N TYR B 83 2.58 -5.99 -9.88
CA TYR B 83 1.61 -5.11 -10.58
C TYR B 83 2.25 -3.75 -10.94
N GLN B 84 3.21 -3.79 -11.87
CA GLN B 84 3.98 -2.62 -12.26
C GLN B 84 3.03 -1.49 -12.67
N ASP B 85 2.09 -1.84 -13.54
CA ASP B 85 0.96 -0.97 -13.93
C ASP B 85 1.36 0.41 -14.46
N SER B 86 2.38 0.48 -15.31
CA SER B 86 2.90 1.76 -15.80
C SER B 86 3.71 1.55 -17.10
N THR B 87 3.99 2.62 -17.82
CA THR B 87 4.63 2.49 -19.13
C THR B 87 5.88 3.34 -19.21
N GLN B 88 6.80 3.07 -18.28
CA GLN B 88 8.07 3.78 -18.22
C GLN B 88 9.10 2.84 -17.59
N LEU B 89 10.27 2.76 -18.24
CA LEU B 89 11.28 1.77 -17.87
C LEU B 89 11.73 1.86 -16.41
N ASN B 90 11.84 3.06 -15.85
CA ASN B 90 12.27 3.16 -14.44
C ASN B 90 11.18 2.82 -13.40
N CYS B 91 9.99 2.46 -13.88
CA CYS B 91 8.99 1.80 -13.02
C CYS B 91 9.20 0.28 -12.93
N ALA B 92 10.19 -0.26 -13.66
CA ALA B 92 10.38 -1.72 -13.75
C ALA B 92 10.54 -2.39 -12.38
N PRO B 93 10.07 -3.64 -12.26
CA PRO B 93 10.24 -4.38 -11.02
C PRO B 93 11.67 -4.46 -10.53
N SER B 94 12.60 -4.85 -11.40
CA SER B 94 14.02 -5.02 -11.03
C SER B 94 14.54 -3.82 -10.24
N TYR B 95 14.40 -2.64 -10.86
CA TYR B 95 14.87 -1.40 -10.27
C TYR B 95 14.14 -1.14 -8.94
N SER B 96 12.82 -1.41 -8.92
CA SER B 96 12.01 -1.15 -7.76
C SER B 96 12.39 -2.04 -6.57
N PHE B 97 12.87 -3.26 -6.88
CA PHE B 97 13.31 -4.23 -5.86
C PHE B 97 14.60 -3.81 -5.16
N LEU B 98 15.33 -2.88 -5.77
CA LEU B 98 16.62 -2.46 -5.21
C LEU B 98 16.42 -1.64 -3.95
N LYS B 99 17.45 -1.67 -3.09
CA LYS B 99 17.44 -0.92 -1.82
C LYS B 99 17.29 0.58 -2.01
N GLY B 100 16.65 1.23 -1.03
N GLY B 100 16.68 1.24 -1.01
CA GLY B 100 16.33 2.65 -1.10
CA GLY B 100 16.75 2.71 -0.79
C GLY B 100 14.88 2.82 -1.53
C GLY B 100 16.83 3.70 -1.95
N LEU B 101 14.24 3.87 -1.02
N LEU B 101 17.39 4.87 -1.68
CA LEU B 101 12.81 4.12 -1.22
CA LEU B 101 17.51 5.94 -2.67
C LEU B 101 12.58 5.02 -2.44
C LEU B 101 16.17 6.62 -2.97
N ASP B 102 13.63 5.69 -2.88
N ASP B 102 15.23 5.88 -3.58
CA ASP B 102 13.55 6.68 -3.95
CA ASP B 102 13.92 6.45 -3.94
C ASP B 102 13.46 6.03 -5.35
C ASP B 102 13.50 6.01 -5.34
N LYS B 103 12.80 4.88 -5.43
CA LYS B 103 12.46 4.25 -6.71
C LYS B 103 11.03 4.69 -7.03
N PRO B 104 10.79 5.22 -8.24
CA PRO B 104 9.48 5.85 -8.44
C PRO B 104 8.27 4.90 -8.39
N ASN B 105 8.48 3.60 -8.60
CA ASN B 105 7.40 2.63 -8.51
C ASN B 105 7.58 1.69 -7.33
N LYS B 106 8.18 2.21 -6.27
CA LYS B 106 8.51 1.43 -5.07
C LYS B 106 7.29 0.74 -4.44
N ALA B 107 6.14 1.40 -4.50
CA ALA B 107 4.90 0.90 -3.92
C ALA B 107 4.52 -0.51 -4.40
N THR B 108 4.97 -0.89 -5.59
CA THR B 108 4.60 -2.18 -6.18
C THR B 108 5.43 -3.36 -5.68
N THR B 109 6.53 -3.10 -4.97
CA THR B 109 7.42 -4.17 -4.50
C THR B 109 7.68 -4.19 -2.98
N ILE B 110 6.95 -3.40 -2.20
CA ILE B 110 7.19 -3.30 -0.75
C ILE B 110 5.96 -3.54 0.15
N LEU B 111 4.85 -3.96 -0.44
CA LEU B 111 3.66 -4.30 0.35
C LEU B 111 3.57 -5.81 0.48
N GLU B 112 3.03 -6.45 -0.55
CA GLU B 112 2.88 -7.89 -0.55
C GLU B 112 4.16 -8.63 -0.97
N ALA B 113 4.99 -8.04 -1.82
CA ALA B 113 6.16 -8.76 -2.36
C ALA B 113 7.07 -9.34 -1.27
N PRO B 114 7.40 -8.56 -0.22
CA PRO B 114 8.25 -9.10 0.84
C PRO B 114 7.63 -10.28 1.58
N ILE B 115 6.30 -10.25 1.75
CA ILE B 115 5.62 -11.32 2.45
C ILE B 115 5.65 -12.59 1.59
N ILE B 116 5.32 -12.41 0.32
CA ILE B 116 5.19 -13.52 -0.61
C ILE B 116 6.53 -14.18 -0.95
N ILE B 117 7.51 -13.36 -1.30
CA ILE B 117 8.84 -13.84 -1.70
C ILE B 117 9.58 -14.43 -0.49
N GLY B 118 9.44 -13.77 0.67
CA GLY B 118 9.91 -14.31 1.94
C GLY B 118 9.38 -15.69 2.28
N TRP B 119 8.07 -15.87 2.20
CA TRP B 119 7.45 -17.18 2.35
C TRP B 119 8.17 -18.23 1.48
N ALA B 120 8.38 -17.90 0.21
CA ALA B 120 8.98 -18.85 -0.73
C ALA B 120 10.40 -19.22 -0.31
N LEU B 121 11.19 -18.21 0.01
CA LEU B 121 12.59 -18.42 0.40
C LEU B 121 12.73 -19.26 1.68
N GLN B 122 11.80 -19.08 2.62
CA GLN B 122 11.79 -19.88 3.87
C GLN B 122 11.50 -21.35 3.59
N GLN B 123 10.71 -21.63 2.55
CA GLN B 123 10.52 -23.02 2.09
C GLN B 123 11.71 -23.57 1.28
N GLY B 124 12.75 -22.76 1.08
CA GLY B 124 13.88 -23.16 0.25
C GLY B 124 13.58 -23.17 -1.24
N PHE B 125 12.71 -22.26 -1.68
CA PHE B 125 12.37 -22.13 -3.08
C PHE B 125 13.29 -21.08 -3.74
N TYR B 126 13.69 -21.38 -4.97
CA TYR B 126 14.31 -20.41 -5.85
C TYR B 126 13.22 -19.46 -6.33
N VAL B 127 13.50 -18.16 -6.29
CA VAL B 127 12.49 -17.16 -6.60
C VAL B 127 12.93 -16.32 -7.77
N VAL B 128 11.99 -16.03 -8.66
CA VAL B 128 12.25 -15.15 -9.78
C VAL B 128 11.08 -14.17 -9.96
N SER B 129 11.43 -12.92 -10.24
CA SER B 129 10.45 -11.93 -10.67
C SER B 129 11.03 -11.22 -11.86
N SER B 130 10.41 -11.41 -13.02
CA SER B 130 10.89 -10.84 -14.27
C SER B 130 10.31 -9.46 -14.49
N ASP B 131 10.95 -8.67 -15.36
CA ASP B 131 10.39 -7.40 -15.73
C ASP B 131 9.49 -7.75 -16.89
N HIS B 132 8.28 -8.17 -16.55
CA HIS B 132 7.34 -8.79 -17.49
C HIS B 132 6.88 -7.85 -18.59
N GLU B 133 7.01 -6.54 -18.39
CA GLU B 133 6.64 -5.59 -19.41
C GLU B 133 7.70 -5.41 -20.47
N GLY B 134 8.90 -5.96 -20.22
CA GLY B 134 9.96 -5.93 -21.24
C GLY B 134 10.56 -4.55 -21.36
N PRO B 135 11.56 -4.38 -22.25
CA PRO B 135 12.33 -3.14 -22.32
C PRO B 135 11.55 -1.94 -22.89
N ARG B 136 10.41 -2.17 -23.54
CA ARG B 136 9.53 -1.08 -24.00
C ARG B 136 8.36 -0.78 -23.03
N SER B 137 8.36 -1.42 -21.85
CA SER B 137 7.37 -1.13 -20.82
C SER B 137 5.95 -1.26 -21.35
N SER B 138 5.68 -2.37 -22.04
CA SER B 138 4.43 -2.55 -22.72
C SER B 138 3.39 -3.19 -21.78
N PHE B 139 3.02 -2.43 -20.75
CA PHE B 139 1.91 -2.75 -19.85
C PHE B 139 0.70 -3.32 -20.57
N ILE B 140 0.31 -4.53 -20.15
CA ILE B 140 -0.91 -5.23 -20.57
C ILE B 140 -0.80 -5.91 -21.94
N ALA B 141 0.39 -5.95 -22.51
CA ALA B 141 0.61 -6.70 -23.75
C ALA B 141 0.87 -8.14 -23.37
N GLY B 142 -0.14 -8.98 -23.54
CA GLY B 142 -0.15 -10.34 -23.01
C GLY B 142 0.96 -11.25 -23.54
N TYR B 143 1.22 -11.21 -24.86
CA TYR B 143 2.23 -12.07 -25.49
C TYR B 143 3.63 -11.75 -24.99
N GLU B 144 3.94 -10.45 -24.94
CA GLU B 144 5.22 -9.96 -24.39
C GLU B 144 5.39 -10.36 -22.93
N GLU B 145 4.35 -10.15 -22.13
CA GLU B 145 4.41 -10.48 -20.70
C GLU B 145 4.64 -11.97 -20.49
N GLY B 146 3.82 -12.77 -21.17
CA GLY B 146 3.95 -14.22 -21.09
C GLY B 146 5.29 -14.76 -21.48
N MET B 147 5.81 -14.33 -22.62
CA MET B 147 7.07 -14.87 -23.10
CA MET B 147 7.09 -14.83 -23.11
C MET B 147 8.21 -14.40 -22.18
N ALA B 148 8.15 -13.14 -21.76
CA ALA B 148 9.16 -12.58 -20.88
C ALA B 148 9.22 -13.33 -19.55
N ILE B 149 8.07 -13.71 -19.03
CA ILE B 149 7.99 -14.46 -17.75
C ILE B 149 8.53 -15.89 -17.89
N LEU B 150 8.12 -16.57 -18.94
CA LEU B 150 8.54 -17.96 -19.17
C LEU B 150 10.04 -18.07 -19.42
N ASP B 151 10.58 -17.09 -20.12
CA ASP B 151 12.03 -16.98 -20.34
C ASP B 151 12.79 -16.55 -19.11
N GLY B 152 12.17 -15.77 -18.23
CA GLY B 152 12.78 -15.41 -16.96
C GLY B 152 13.01 -16.66 -16.11
N ILE B 153 12.01 -17.55 -16.12
CA ILE B 153 12.13 -18.82 -15.43
C ILE B 153 13.21 -19.70 -16.07
N ARG B 154 13.28 -19.73 -17.41
CA ARG B 154 14.38 -20.43 -18.11
C ARG B 154 15.74 -19.87 -17.68
N ALA B 155 15.83 -18.53 -17.59
CA ALA B 155 17.07 -17.85 -17.19
C ALA B 155 17.55 -18.27 -15.81
N LEU B 156 16.60 -18.46 -14.89
CA LEU B 156 16.90 -18.88 -13.52
C LEU B 156 17.38 -20.34 -13.49
N LYS B 157 16.63 -21.22 -14.16
CA LYS B 157 17.04 -22.60 -14.36
C LYS B 157 18.48 -22.73 -14.89
N ASN B 158 18.81 -21.97 -15.91
CA ASN B 158 20.14 -21.98 -16.50
C ASN B 158 21.19 -21.42 -15.54
N TYR B 159 20.91 -20.26 -14.94
CA TYR B 159 21.84 -19.63 -14.01
C TYR B 159 22.13 -20.48 -12.78
N ALA B 160 21.08 -20.99 -12.13
CA ALA B 160 21.27 -21.89 -10.97
C ALA B 160 21.43 -23.36 -11.38
N LYS B 161 21.36 -23.64 -12.68
CA LYS B 161 21.63 -24.97 -13.21
C LYS B 161 20.69 -25.98 -12.56
N LEU B 162 19.39 -25.76 -12.73
CA LEU B 162 18.38 -26.57 -12.09
C LEU B 162 17.83 -27.61 -13.05
N PRO B 163 17.32 -28.75 -12.53
CA PRO B 163 16.71 -29.72 -13.44
C PRO B 163 15.63 -29.09 -14.30
N THR B 164 15.55 -29.49 -15.55
CA THR B 164 14.56 -28.96 -16.47
C THR B 164 13.14 -29.19 -15.94
N ASP B 165 12.91 -30.27 -15.19
CA ASP B 165 11.56 -30.53 -14.71
C ASP B 165 11.27 -30.04 -13.27
N SER B 166 12.09 -29.14 -12.75
CA SER B 166 11.82 -28.52 -11.45
C SER B 166 10.40 -27.93 -11.43
N ALA B 167 9.63 -28.25 -10.40
CA ALA B 167 8.24 -27.81 -10.32
C ALA B 167 8.19 -26.29 -10.20
N ILE B 168 7.29 -25.68 -10.95
CA ILE B 168 7.15 -24.23 -10.96
C ILE B 168 5.77 -23.81 -10.46
N GLY B 169 5.73 -22.79 -9.58
CA GLY B 169 4.47 -22.15 -9.19
C GLY B 169 4.51 -20.66 -9.46
N PHE B 170 3.33 -20.07 -9.68
CA PHE B 170 3.19 -18.65 -9.96
C PHE B 170 2.23 -17.97 -8.99
N TYR B 171 2.48 -16.68 -8.75
CA TYR B 171 1.57 -15.82 -8.01
C TYR B 171 1.56 -14.45 -8.66
N GLY B 172 0.38 -13.85 -8.75
CA GLY B 172 0.22 -12.41 -9.09
C GLY B 172 -1.19 -11.87 -8.91
N TYR B 173 -1.31 -10.59 -8.64
CA TYR B 173 -2.62 -9.96 -8.46
C TYR B 173 -2.76 -8.76 -9.38
N SER B 174 -3.94 -8.63 -10.00
CA SER B 174 -4.29 -7.49 -10.84
C SER B 174 -3.38 -7.41 -12.09
N GLY B 175 -2.63 -6.33 -12.25
CA GLY B 175 -1.61 -6.27 -13.33
C GLY B 175 -0.70 -7.49 -13.35
N GLY B 176 -0.34 -7.97 -12.16
CA GLY B 176 0.45 -9.19 -11.99
C GLY B 176 -0.29 -10.45 -12.36
N ALA B 177 -1.61 -10.45 -12.18
CA ALA B 177 -2.46 -11.58 -12.58
C ALA B 177 -2.63 -11.63 -14.10
N HIS B 178 -2.69 -10.46 -14.76
CA HIS B 178 -2.62 -10.40 -16.21
C HIS B 178 -1.34 -11.06 -16.71
N ALA B 179 -0.21 -10.66 -16.14
CA ALA B 179 1.08 -11.26 -16.51
C ALA B 179 1.11 -12.76 -16.26
N THR B 180 0.64 -13.18 -15.08
CA THR B 180 0.60 -14.59 -14.72
C THR B 180 -0.36 -15.36 -15.63
N GLY B 181 -1.54 -14.80 -15.86
CA GLY B 181 -2.52 -15.42 -16.73
C GLY B 181 -1.97 -15.67 -18.12
N TRP B 182 -1.15 -14.75 -18.62
CA TRP B 182 -0.60 -14.86 -19.97
C TRP B 182 0.60 -15.83 -20.00
N ALA B 183 1.40 -15.84 -18.94
CA ALA B 183 2.38 -16.93 -18.78
C ALA B 183 1.70 -18.30 -18.86
N ALA B 184 0.58 -18.46 -18.14
CA ALA B 184 -0.20 -19.71 -18.22
C ALA B 184 -0.70 -19.98 -19.62
N ASN B 185 -1.24 -18.94 -20.23
CA ASN B 185 -1.81 -19.03 -21.57
C ASN B 185 -0.78 -19.55 -22.55
N LEU B 186 0.44 -19.05 -22.46
CA LEU B 186 1.46 -19.41 -23.44
C LEU B 186 2.38 -20.59 -23.07
N ALA B 187 2.24 -21.11 -21.85
CA ALA B 187 3.17 -22.10 -21.35
C ALA B 187 3.33 -23.32 -22.26
N GLY B 188 2.20 -23.89 -22.67
CA GLY B 188 2.22 -25.15 -23.45
C GLY B 188 2.79 -25.03 -24.85
N SER B 189 2.66 -23.85 -25.46
CA SER B 189 3.17 -23.62 -26.80
C SER B 189 4.56 -22.98 -26.80
N TYR B 190 4.83 -22.13 -25.80
CA TYR B 190 6.06 -21.34 -25.78
C TYR B 190 7.19 -21.93 -24.93
N ALA B 191 6.85 -22.42 -23.74
CA ALA B 191 7.82 -23.02 -22.84
C ALA B 191 7.31 -24.38 -22.40
N PRO B 192 7.19 -25.32 -23.34
CA PRO B 192 6.58 -26.62 -23.05
C PRO B 192 7.33 -27.46 -22.01
N GLU B 193 8.61 -27.18 -21.80
CA GLU B 193 9.43 -27.95 -20.86
C GLU B 193 9.19 -27.59 -19.41
N HIS B 194 8.56 -26.45 -19.13
CA HIS B 194 8.35 -26.03 -17.74
C HIS B 194 7.37 -26.99 -17.07
N ASN B 195 7.71 -27.40 -15.84
CA ASN B 195 6.86 -28.32 -15.07
C ASN B 195 6.07 -27.48 -14.11
N ILE B 196 4.88 -27.06 -14.54
CA ILE B 196 4.07 -26.16 -13.75
C ILE B 196 3.12 -26.95 -12.84
N ILE B 197 3.24 -26.72 -11.53
CA ILE B 197 2.42 -27.42 -10.55
C ILE B 197 1.25 -26.58 -10.03
N GLY B 198 1.28 -25.28 -10.27
CA GLY B 198 0.20 -24.42 -9.82
C GLY B 198 0.38 -22.96 -10.19
N ALA B 199 -0.74 -22.29 -10.41
CA ALA B 199 -0.74 -20.84 -10.57
C ALA B 199 -1.86 -20.23 -9.77
N ALA B 200 -1.52 -19.26 -8.91
CA ALA B 200 -2.50 -18.56 -8.08
C ALA B 200 -2.52 -17.09 -8.46
N TYR B 201 -3.66 -16.62 -8.93
CA TYR B 201 -3.79 -15.26 -9.37
C TYR B 201 -5.19 -14.71 -9.22
N GLY B 202 -5.31 -13.46 -8.77
CA GLY B 202 -6.62 -12.86 -8.57
C GLY B 202 -6.73 -11.48 -9.20
N GLY B 203 -7.97 -11.04 -9.39
CA GLY B 203 -8.20 -9.73 -9.97
C GLY B 203 -7.72 -9.66 -11.38
N LEU B 204 -7.89 -10.78 -12.09
CA LEU B 204 -7.44 -10.99 -13.47
C LEU B 204 -8.15 -10.09 -14.47
N PRO B 205 -7.42 -9.23 -15.20
CA PRO B 205 -7.98 -8.53 -16.33
C PRO B 205 -7.98 -9.41 -17.59
N ALA B 206 -9.06 -10.14 -17.82
CA ALA B 206 -9.08 -11.17 -18.85
C ALA B 206 -9.15 -10.60 -20.26
N SER B 207 -9.78 -9.44 -20.38
CA SER B 207 -9.94 -8.76 -21.66
C SER B 207 -9.45 -7.32 -21.57
N ALA B 208 -8.56 -6.95 -22.49
CA ALA B 208 -8.08 -5.57 -22.57
C ALA B 208 -9.25 -4.65 -22.87
N ARG B 209 -10.01 -5.00 -23.90
CA ARG B 209 -11.20 -4.22 -24.26
C ARG B 209 -12.16 -3.99 -23.07
N ASP B 210 -12.54 -5.05 -22.36
CA ASP B 210 -13.55 -4.94 -21.30
C ASP B 210 -13.06 -4.09 -20.11
N THR B 211 -11.78 -4.23 -19.77
CA THR B 211 -11.18 -3.47 -18.69
C THR B 211 -11.10 -1.99 -19.06
N PHE B 212 -10.69 -1.68 -20.29
CA PHE B 212 -10.70 -0.30 -20.75
C PHE B 212 -12.12 0.29 -20.59
N ASN B 213 -13.13 -0.45 -21.05
CA ASN B 213 -14.51 0.05 -20.93
C ASN B 213 -14.98 0.19 -19.49
N PHE B 214 -14.46 -0.66 -18.62
CA PHE B 214 -14.80 -0.59 -17.21
C PHE B 214 -14.13 0.61 -16.52
N LEU B 215 -12.93 0.97 -16.97
CA LEU B 215 -12.10 1.98 -16.30
C LEU B 215 -12.34 3.41 -16.78
N ASN B 216 -12.64 3.56 -18.07
CA ASN B 216 -12.69 4.88 -18.68
C ASN B 216 -13.76 5.76 -18.06
N LYS B 217 -13.40 7.03 -17.84
CA LYS B 217 -14.25 8.07 -17.25
C LYS B 217 -14.46 7.93 -15.73
N GLY B 218 -13.89 6.89 -15.15
CA GLY B 218 -14.01 6.64 -13.72
C GLY B 218 -12.79 7.11 -12.96
N ALA B 219 -12.82 6.85 -11.66
CA ALA B 219 -11.79 7.26 -10.73
C ALA B 219 -10.40 6.70 -11.09
N PHE B 220 -10.37 5.49 -11.65
CA PHE B 220 -9.11 4.80 -12.01
C PHE B 220 -8.86 4.81 -13.53
N ALA B 221 -9.47 5.76 -14.23
CA ALA B 221 -9.23 5.99 -15.66
C ALA B 221 -7.75 6.02 -16.04
N GLY B 222 -6.90 6.41 -15.12
CA GLY B 222 -5.45 6.39 -15.33
C GLY B 222 -4.93 5.07 -15.87
N PHE B 223 -5.50 3.96 -15.41
CA PHE B 223 -5.07 2.64 -15.87
C PHE B 223 -5.49 2.38 -17.30
N ALA B 224 -6.60 2.95 -17.72
CA ALA B 224 -7.04 2.84 -19.09
C ALA B 224 -6.02 3.55 -20.01
N ILE B 225 -5.60 4.74 -19.63
CA ILE B 225 -4.60 5.47 -20.40
C ILE B 225 -3.26 4.72 -20.48
N ALA B 226 -2.82 4.14 -19.38
CA ALA B 226 -1.57 3.40 -19.36
C ALA B 226 -1.66 2.11 -20.17
N GLY B 227 -2.85 1.52 -20.20
CA GLY B 227 -3.16 0.34 -21.02
C GLY B 227 -3.04 0.64 -22.51
N VAL B 228 -3.56 1.80 -22.89
CA VAL B 228 -3.45 2.26 -24.27
C VAL B 228 -1.99 2.52 -24.58
N SER B 229 -1.30 3.20 -23.68
CA SER B 229 0.11 3.44 -23.87
C SER B 229 0.84 2.10 -24.08
N GLY B 230 0.50 1.11 -23.26
CA GLY B 230 1.23 -0.15 -23.22
C GLY B 230 1.08 -1.00 -24.45
N LEU B 231 -0.15 -1.18 -24.90
CA LEU B 231 -0.41 -1.91 -26.13
C LEU B 231 0.30 -1.27 -27.31
N ALA B 232 0.31 0.06 -27.33
CA ALA B 232 0.89 0.79 -28.43
C ALA B 232 2.41 0.59 -28.42
N LEU B 233 3.00 0.42 -27.24
CA LEU B 233 4.44 0.13 -27.14
C LEU B 233 4.79 -1.29 -27.59
N ALA B 234 3.82 -2.19 -27.66
CA ALA B 234 4.07 -3.58 -28.09
C ALA B 234 3.84 -3.77 -29.58
N TYR B 235 3.02 -2.90 -30.16
CA TYR B 235 2.56 -3.05 -31.52
C TYR B 235 2.88 -1.76 -32.30
N PRO B 236 3.93 -1.79 -33.15
CA PRO B 236 4.26 -0.59 -33.92
C PRO B 236 3.11 0.00 -34.76
N ASP B 237 2.27 -0.85 -35.34
CA ASP B 237 1.14 -0.37 -36.16
C ASP B 237 0.04 0.28 -35.29
N VAL B 238 -0.14 -0.21 -34.07
CA VAL B 238 -1.01 0.48 -33.10
C VAL B 238 -0.39 1.81 -32.69
N GLU B 239 0.91 1.81 -32.39
CA GLU B 239 1.61 3.07 -32.05
C GLU B 239 1.44 4.15 -33.13
N THR B 240 1.65 3.76 -34.39
CA THR B 240 1.48 4.68 -35.51
C THR B 240 0.05 5.23 -35.58
N TYR B 241 -0.92 4.34 -35.50
CA TYR B 241 -2.32 4.73 -35.50
C TYR B 241 -2.69 5.70 -34.38
N ILE B 242 -2.34 5.35 -33.15
CA ILE B 242 -2.74 6.16 -31.99
C ILE B 242 -2.08 7.53 -32.03
N GLN B 243 -0.76 7.57 -32.26
CA GLN B 243 -0.05 8.83 -32.38
C GLN B 243 -0.71 9.72 -33.45
N SER B 244 -1.20 9.11 -34.53
CA SER B 244 -1.84 9.88 -35.62
C SER B 244 -3.13 10.54 -35.18
N ARG B 245 -3.86 9.91 -34.26
CA ARG B 245 -5.17 10.42 -33.82
C ARG B 245 -5.09 11.42 -32.65
N LEU B 246 -3.95 11.52 -31.98
CA LEU B 246 -3.89 12.32 -30.76
C LEU B 246 -3.99 13.81 -31.08
N ASN B 247 -4.86 14.51 -30.35
CA ASN B 247 -4.88 15.96 -30.40
C ASN B 247 -3.73 16.45 -29.52
N ALA B 248 -3.61 17.76 -29.38
CA ALA B 248 -2.55 18.38 -28.58
C ALA B 248 -2.60 17.94 -27.12
N LYS B 249 -3.81 17.78 -26.57
CA LYS B 249 -3.96 17.26 -25.20
C LYS B 249 -3.43 15.85 -25.12
N GLY B 250 -3.88 15.00 -26.03
CA GLY B 250 -3.43 13.61 -26.08
C GLY B 250 -1.92 13.43 -26.17
N GLU B 251 -1.27 14.25 -26.99
CA GLU B 251 0.17 14.16 -27.16
C GLU B 251 0.88 14.47 -25.85
N LYS B 252 0.42 15.51 -25.15
CA LYS B 252 0.97 15.80 -23.84
C LYS B 252 0.77 14.62 -22.86
N VAL B 253 -0.39 13.99 -22.92
CA VAL B 253 -0.69 12.89 -22.02
C VAL B 253 0.21 11.68 -22.26
N PHE B 254 0.41 11.33 -23.52
CA PHE B 254 1.22 10.16 -23.85
C PHE B 254 2.71 10.32 -23.64
N LYS B 255 3.22 11.55 -23.81
CA LYS B 255 4.57 11.87 -23.35
C LYS B 255 4.65 11.70 -21.85
N GLN B 256 3.67 12.28 -21.17
CA GLN B 256 3.60 12.25 -19.73
C GLN B 256 3.55 10.84 -19.16
N VAL B 257 2.62 10.02 -19.64
CA VAL B 257 2.43 8.66 -19.09
C VAL B 257 3.65 7.76 -19.40
N ARG B 258 4.50 8.20 -20.31
CA ARG B 258 5.73 7.48 -20.62
C ARG B 258 6.99 8.14 -20.08
N SER B 259 6.84 9.25 -19.34
CA SER B 259 8.00 10.00 -18.86
C SER B 259 8.66 9.34 -17.66
N ARG B 260 9.91 9.71 -17.41
CA ARG B 260 10.69 9.18 -16.27
C ARG B 260 9.99 9.41 -14.95
N GLY B 261 9.84 8.35 -14.16
CA GLY B 261 9.29 8.45 -12.83
C GLY B 261 7.77 8.50 -12.81
N PHE B 262 7.12 8.37 -13.96
CA PHE B 262 5.67 8.41 -14.00
C PHE B 262 5.18 6.99 -13.81
N CYS B 263 5.02 6.60 -12.55
CA CYS B 263 4.74 5.21 -12.23
C CYS B 263 3.34 5.04 -11.60
N ILE B 264 3.09 3.98 -10.83
CA ILE B 264 1.71 3.60 -10.52
C ILE B 264 0.94 4.72 -9.83
N GLY B 265 1.61 5.43 -8.92
CA GLY B 265 0.96 6.52 -8.21
C GLY B 265 0.58 7.68 -9.10
N GLN B 266 1.47 8.00 -10.05
CA GLN B 266 1.26 9.12 -10.95
C GLN B 266 0.14 8.78 -11.94
N VAL B 267 0.09 7.53 -12.36
CA VAL B 267 -0.99 7.06 -13.24
C VAL B 267 -2.36 7.23 -12.58
N VAL B 268 -2.46 6.75 -11.35
CA VAL B 268 -3.73 6.79 -10.67
C VAL B 268 -4.15 8.25 -10.35
N LEU B 269 -3.26 9.00 -9.73
CA LEU B 269 -3.64 10.33 -9.22
C LEU B 269 -3.71 11.41 -10.26
N THR B 270 -3.05 11.21 -11.40
CA THR B 270 -3.04 12.25 -12.42
C THR B 270 -4.31 12.22 -13.25
N TYR B 271 -4.94 11.06 -13.41
CA TYR B 271 -5.99 10.95 -14.41
C TYR B 271 -7.40 10.64 -13.93
N PRO B 272 -7.71 10.88 -12.65
CA PRO B 272 -9.04 10.41 -12.26
C PRO B 272 -10.15 11.11 -13.04
N PHE B 273 -11.10 10.31 -13.52
CA PHE B 273 -12.25 10.81 -14.26
C PHE B 273 -11.97 11.35 -15.68
N VAL B 274 -10.74 11.15 -16.17
CA VAL B 274 -10.45 11.43 -17.59
C VAL B 274 -11.25 10.49 -18.50
N ASP B 275 -11.73 11.04 -19.61
CA ASP B 275 -12.28 10.27 -20.70
C ASP B 275 -11.16 10.18 -21.76
N ALA B 276 -10.68 8.97 -22.04
CA ALA B 276 -9.60 8.80 -23.01
C ALA B 276 -9.94 9.36 -24.40
N TYR B 277 -11.21 9.31 -24.77
CA TYR B 277 -11.68 9.89 -26.03
C TYR B 277 -11.45 11.41 -26.18
N SER B 278 -11.30 12.13 -25.07
CA SER B 278 -10.98 13.56 -25.11
C SER B 278 -9.58 13.79 -25.66
N LEU B 279 -8.73 12.77 -25.61
CA LEU B 279 -7.35 12.83 -26.09
C LEU B 279 -7.23 12.45 -27.57
N ILE B 280 -8.33 12.01 -28.18
N ILE B 280 -8.35 11.99 -28.17
CA ILE B 280 -8.32 11.40 -29.51
CA ILE B 280 -8.40 11.56 -29.56
C ILE B 280 -9.39 11.96 -30.45
C ILE B 280 -9.63 12.13 -30.28
N ASN B 281 -9.06 11.96 -31.75
N ASN B 281 -10.48 12.84 -29.53
CA ASN B 281 -10.07 12.21 -32.77
CA ASN B 281 -11.72 13.40 -30.07
C ASN B 281 -10.54 10.87 -33.30
C ASN B 281 -12.93 12.54 -29.73
N ASP B 282 -11.45 10.23 -32.57
N ASP B 282 -12.92 11.30 -30.23
CA ASP B 282 -11.93 8.91 -32.96
CA ASP B 282 -14.01 10.38 -29.97
C ASP B 282 -12.86 8.33 -31.88
C ASP B 282 -14.32 9.53 -31.19
N THR B 283 -14.14 8.67 -31.95
N THR B 283 -15.56 9.07 -31.30
CA THR B 283 -15.12 8.14 -31.01
CA THR B 283 -15.97 8.13 -32.35
C THR B 283 -15.23 6.61 -31.15
C THR B 283 -15.62 6.70 -31.89
N ASN B 284 -14.85 6.11 -32.32
N ASN B 284 -15.27 5.83 -32.84
CA ASN B 284 -15.01 4.69 -32.63
CA ASN B 284 -15.09 4.42 -32.50
C ASN B 284 -13.66 3.95 -32.59
C ASN B 284 -13.65 3.91 -32.57
N LEU B 285 -12.78 4.39 -31.67
CA LEU B 285 -11.40 3.90 -31.59
C LEU B 285 -11.32 2.37 -31.49
N LEU B 286 -12.03 1.81 -30.51
CA LEU B 286 -11.95 0.37 -30.26
C LEU B 286 -12.36 -0.47 -31.47
N ASN B 287 -13.08 0.15 -32.41
CA ASN B 287 -13.61 -0.54 -33.58
C ASN B 287 -12.92 -0.17 -34.89
N GLU B 288 -11.93 0.73 -34.82
CA GLU B 288 -11.09 1.05 -35.97
C GLU B 288 -9.86 0.15 -35.98
N GLU B 289 -9.43 -0.28 -37.16
CA GLU B 289 -8.18 -1.03 -37.29
C GLU B 289 -7.01 -0.07 -37.18
N PRO B 290 -5.87 -0.55 -36.63
CA PRO B 290 -5.56 -1.92 -36.23
C PRO B 290 -5.93 -2.23 -34.78
N VAL B 291 -6.57 -1.29 -34.09
CA VAL B 291 -6.88 -1.46 -32.67
C VAL B 291 -7.84 -2.62 -32.47
N ALA B 292 -8.89 -2.66 -33.28
CA ALA B 292 -9.95 -3.64 -33.09
C ALA B 292 -9.37 -5.06 -33.17
N SER B 293 -8.61 -5.35 -34.23
CA SER B 293 -8.01 -6.69 -34.37
C SER B 293 -6.96 -6.98 -33.29
N THR B 294 -6.20 -5.97 -32.90
CA THR B 294 -5.24 -6.12 -31.81
C THR B 294 -5.95 -6.57 -30.52
N LEU B 295 -7.13 -6.02 -30.26
CA LEU B 295 -7.84 -6.31 -29.02
C LEU B 295 -8.34 -7.75 -29.02
N LYS B 296 -8.75 -8.23 -30.18
CA LYS B 296 -9.09 -9.65 -30.32
C LYS B 296 -7.93 -10.65 -30.10
N SER B 297 -6.68 -10.22 -30.34
CA SER B 297 -5.51 -11.03 -30.01
C SER B 297 -5.18 -10.94 -28.52
N GLU B 298 -5.52 -9.80 -27.92
CA GLU B 298 -5.15 -9.44 -26.56
C GLU B 298 -6.31 -9.63 -25.58
N THR B 299 -7.03 -10.75 -25.72
CA THR B 299 -8.05 -11.16 -24.77
C THR B 299 -7.83 -12.62 -24.47
N LEU B 300 -8.25 -13.04 -23.28
CA LEU B 300 -8.29 -14.45 -22.90
C LEU B 300 -9.71 -15.03 -22.99
N VAL B 301 -10.67 -14.18 -23.31
CA VAL B 301 -12.07 -14.57 -23.38
C VAL B 301 -12.35 -15.04 -24.81
N GLN B 302 -12.55 -16.34 -24.95
CA GLN B 302 -12.74 -16.98 -26.25
C GLN B 302 -13.86 -16.32 -27.04
N ALA B 303 -14.96 -15.94 -26.36
CA ALA B 303 -16.11 -15.33 -27.04
C ALA B 303 -15.74 -14.03 -27.78
N GLU B 304 -14.64 -13.38 -27.36
CA GLU B 304 -14.20 -12.12 -27.96
C GLU B 304 -12.95 -12.30 -28.82
N ALA B 305 -12.35 -13.48 -28.83
CA ALA B 305 -11.01 -13.64 -29.36
C ALA B 305 -10.99 -14.09 -30.83
N SER B 306 -9.92 -13.77 -31.53
CA SER B 306 -9.78 -14.12 -32.93
C SER B 306 -8.84 -15.31 -33.10
N TYR B 307 -8.46 -15.96 -31.99
CA TYR B 307 -7.57 -17.12 -32.02
C TYR B 307 -8.15 -18.14 -31.05
N THR B 308 -7.73 -19.40 -31.11
CA THR B 308 -8.24 -20.42 -30.18
C THR B 308 -7.46 -20.30 -28.87
N VAL B 309 -8.14 -19.88 -27.80
CA VAL B 309 -7.48 -19.62 -26.54
C VAL B 309 -7.05 -20.92 -25.87
N PRO B 310 -5.76 -21.04 -25.51
CA PRO B 310 -5.31 -22.24 -24.81
C PRO B 310 -6.06 -22.46 -23.50
N VAL B 311 -6.15 -23.72 -23.11
CA VAL B 311 -6.80 -24.11 -21.88
C VAL B 311 -5.77 -24.93 -21.09
N PRO B 312 -4.94 -24.24 -20.31
CA PRO B 312 -3.99 -24.92 -19.40
C PRO B 312 -4.67 -25.93 -18.48
N LYS B 313 -4.04 -27.09 -18.30
CA LYS B 313 -4.67 -28.17 -17.56
C LYS B 313 -4.15 -28.28 -16.13
N PHE B 314 -3.04 -27.63 -15.81
CA PHE B 314 -2.44 -27.72 -14.47
C PHE B 314 -3.27 -27.02 -13.38
N PRO B 315 -3.01 -27.32 -12.10
CA PRO B 315 -3.85 -26.74 -11.07
C PRO B 315 -3.82 -25.21 -11.06
N ARG B 316 -5.00 -24.58 -11.06
CA ARG B 316 -5.05 -23.13 -10.89
C ARG B 316 -5.94 -22.70 -9.73
N PHE B 317 -5.55 -21.58 -9.13
CA PHE B 317 -6.32 -20.96 -8.06
C PHE B 317 -6.53 -19.50 -8.47
N ILE B 318 -7.78 -19.16 -8.79
CA ILE B 318 -8.12 -17.82 -9.26
C ILE B 318 -9.15 -17.20 -8.30
N TRP B 319 -8.92 -15.95 -7.89
CA TRP B 319 -9.92 -15.24 -7.10
C TRP B 319 -10.26 -13.86 -7.66
N HIS B 320 -11.43 -13.35 -7.28
CA HIS B 320 -11.88 -12.03 -7.71
C HIS B 320 -12.85 -11.41 -6.72
N ALA B 321 -12.72 -10.10 -6.52
CA ALA B 321 -13.69 -9.33 -5.78
C ALA B 321 -15.00 -9.26 -6.57
N LEU B 322 -16.07 -9.67 -5.94
CA LEU B 322 -17.38 -9.54 -6.57
C LEU B 322 -17.71 -8.07 -6.85
N LEU B 323 -17.25 -7.17 -6.00
CA LEU B 323 -17.52 -5.75 -6.15
C LEU B 323 -16.34 -4.97 -6.76
N ASP B 324 -15.53 -5.65 -7.59
CA ASP B 324 -14.29 -5.03 -8.10
C ASP B 324 -14.65 -3.77 -8.89
N GLU B 325 -14.08 -2.65 -8.50
CA GLU B 325 -14.39 -1.36 -9.09
C GLU B 325 -13.32 -0.95 -10.10
N ILE B 326 -12.36 -1.84 -10.32
CA ILE B 326 -11.20 -1.56 -11.19
C ILE B 326 -11.08 -2.53 -12.36
N VAL B 327 -11.15 -3.83 -12.05
CA VAL B 327 -11.06 -4.90 -13.03
C VAL B 327 -12.35 -5.71 -13.00
N PRO B 328 -13.10 -5.80 -14.13
CA PRO B 328 -14.47 -6.33 -14.07
C PRO B 328 -14.56 -7.81 -13.74
N PHE B 329 -15.40 -8.15 -12.78
CA PHE B 329 -15.60 -9.54 -12.36
C PHE B 329 -16.09 -10.39 -13.52
N HIS B 330 -17.01 -9.85 -14.32
CA HIS B 330 -17.72 -10.68 -15.33
C HIS B 330 -16.80 -11.25 -16.39
N SER B 331 -15.75 -10.53 -16.75
CA SER B 331 -14.85 -10.99 -17.79
C SER B 331 -13.99 -12.13 -17.24
N ALA B 332 -13.61 -12.00 -15.99
CA ALA B 332 -12.83 -13.03 -15.33
C ALA B 332 -13.67 -14.29 -15.09
N ALA B 333 -14.94 -14.09 -14.70
CA ALA B 333 -15.85 -15.20 -14.48
C ALA B 333 -16.15 -15.91 -15.78
N THR B 334 -16.35 -15.16 -16.86
CA THR B 334 -16.50 -15.76 -18.20
C THR B 334 -15.27 -16.57 -18.63
N TYR B 335 -14.08 -16.00 -18.48
CA TYR B 335 -12.84 -16.75 -18.72
C TYR B 335 -12.86 -18.10 -17.99
N VAL B 336 -13.20 -18.07 -16.71
CA VAL B 336 -13.22 -19.28 -15.89
C VAL B 336 -14.24 -20.28 -16.38
N LYS B 337 -15.45 -19.81 -16.66
CA LYS B 337 -16.49 -20.71 -17.16
C LYS B 337 -16.05 -21.39 -18.46
N GLU B 338 -15.48 -20.61 -19.39
CA GLU B 338 -15.06 -21.16 -20.68
C GLU B 338 -13.96 -22.23 -20.53
N GLN B 339 -12.98 -21.92 -19.68
CA GLN B 339 -11.83 -22.80 -19.44
C GLN B 339 -12.30 -24.12 -18.82
N CYS B 340 -13.22 -24.02 -17.87
CA CYS B 340 -13.77 -25.19 -17.21
C CYS B 340 -14.54 -26.09 -18.18
N SER B 341 -15.24 -25.51 -19.15
CA SER B 341 -16.02 -26.30 -20.10
C SER B 341 -15.10 -27.05 -21.08
N LYS B 342 -13.83 -26.64 -21.11
CA LYS B 342 -12.79 -27.27 -21.91
C LYS B 342 -11.75 -28.03 -21.12
N GLY B 343 -12.05 -28.39 -19.88
CA GLY B 343 -11.18 -29.29 -19.12
C GLY B 343 -10.18 -28.69 -18.16
N ALA B 344 -10.27 -27.39 -17.90
CA ALA B 344 -9.32 -26.74 -17.00
C ALA B 344 -9.49 -27.24 -15.58
N ASP B 345 -8.53 -26.91 -14.73
CA ASP B 345 -8.61 -27.18 -13.30
C ASP B 345 -8.46 -25.86 -12.51
N ILE B 346 -9.56 -25.15 -12.35
CA ILE B 346 -9.55 -23.84 -11.71
C ILE B 346 -10.36 -23.91 -10.42
N ASN B 347 -9.66 -23.67 -9.32
CA ASN B 347 -10.23 -23.48 -8.00
C ASN B 347 -10.68 -22.02 -7.91
N TRP B 348 -11.99 -21.78 -8.09
CA TRP B 348 -12.55 -20.42 -8.29
C TRP B 348 -13.11 -19.86 -6.99
N ASN B 349 -12.60 -18.68 -6.60
CA ASN B 349 -12.88 -18.11 -5.30
C ASN B 349 -13.43 -16.69 -5.42
N VAL B 350 -14.70 -16.52 -5.08
CA VAL B 350 -15.39 -15.25 -5.23
C VAL B 350 -15.53 -14.60 -3.83
N TYR B 351 -15.02 -13.37 -3.69
CA TYR B 351 -15.07 -12.63 -2.43
C TYR B 351 -16.15 -11.55 -2.50
N SER B 352 -17.31 -11.84 -1.91
CA SER B 352 -18.50 -10.97 -1.96
C SER B 352 -18.43 -9.73 -1.04
N PHE B 353 -17.47 -9.73 -0.13
CA PHE B 353 -17.28 -8.70 0.90
C PHE B 353 -16.17 -7.71 0.53
N ALA B 354 -15.55 -7.88 -0.63
CA ALA B 354 -14.36 -7.10 -0.96
C ALA B 354 -14.54 -6.32 -2.25
N GLU B 355 -13.73 -5.28 -2.37
CA GLU B 355 -13.48 -4.60 -3.64
C GLU B 355 -12.05 -4.93 -4.09
N HIS B 356 -11.53 -4.20 -5.07
CA HIS B 356 -10.23 -4.54 -5.66
C HIS B 356 -9.09 -4.70 -4.66
N ILE B 357 -8.90 -3.69 -3.83
CA ILE B 357 -7.74 -3.62 -2.99
C ILE B 357 -7.88 -4.61 -1.84
N SER B 358 -9.07 -4.70 -1.26
CA SER B 358 -9.27 -5.62 -0.14
C SER B 358 -9.22 -7.09 -0.60
N ALA B 359 -9.56 -7.34 -1.87
CA ALA B 359 -9.38 -8.69 -2.41
C ALA B 359 -7.91 -9.11 -2.51
N GLU B 360 -7.02 -8.17 -2.77
CA GLU B 360 -5.57 -8.46 -2.77
C GLU B 360 -5.14 -8.90 -1.35
N LEU B 361 -5.64 -8.19 -0.37
CA LEU B 361 -5.25 -8.36 1.01
C LEU B 361 -5.73 -9.70 1.57
N PHE B 362 -7.00 -10.00 1.35
CA PHE B 362 -7.63 -11.18 1.94
C PHE B 362 -7.51 -12.46 1.10
N GLY B 363 -7.04 -12.33 -0.14
CA GLY B 363 -6.77 -13.49 -0.98
C GLY B 363 -5.34 -13.99 -0.82
N LEU B 364 -4.50 -13.21 -0.16
CA LEU B 364 -3.07 -13.46 -0.09
C LEU B 364 -2.79 -14.79 0.60
N LEU B 365 -3.28 -14.93 1.82
CA LEU B 365 -3.07 -16.15 2.59
C LEU B 365 -3.77 -17.36 1.97
N PRO B 366 -5.04 -17.19 1.53
CA PRO B 366 -5.61 -18.34 0.82
C PRO B 366 -4.79 -18.79 -0.39
N GLY B 367 -4.34 -17.84 -1.17
CA GLY B 367 -3.53 -18.13 -2.36
C GLY B 367 -2.20 -18.77 -2.04
N LEU B 368 -1.53 -18.27 -1.01
CA LEU B 368 -0.26 -18.86 -0.56
C LEU B 368 -0.44 -20.24 0.06
N ASP B 369 -1.44 -20.40 0.93
CA ASP B 369 -1.78 -21.71 1.49
C ASP B 369 -2.02 -22.73 0.37
N TRP B 370 -2.68 -22.30 -0.71
CA TRP B 370 -3.04 -23.22 -1.78
C TRP B 370 -1.82 -23.61 -2.58
N LEU B 371 -0.95 -22.63 -2.81
CA LEU B 371 0.24 -22.84 -3.61
C LEU B 371 1.18 -23.81 -2.86
N ASN B 372 1.28 -23.65 -1.55
CA ASN B 372 2.01 -24.57 -0.68
C ASN B 372 1.51 -26.03 -0.80
N LYS B 373 0.19 -26.21 -0.88
CA LYS B 373 -0.36 -27.54 -1.14
C LYS B 373 0.03 -28.01 -2.56
N ALA B 374 -0.07 -27.09 -3.52
CA ALA B 374 0.25 -27.40 -4.92
C ALA B 374 1.67 -27.94 -5.07
N TYR B 375 2.64 -27.27 -4.45
CA TYR B 375 4.03 -27.76 -4.46
C TYR B 375 4.19 -29.16 -3.90
N LYS B 376 3.32 -29.54 -2.96
CA LYS B 376 3.38 -30.88 -2.35
C LYS B 376 2.51 -31.92 -3.07
N GLY B 377 1.89 -31.52 -4.17
CA GLY B 377 0.96 -32.39 -4.88
C GLY B 377 -0.35 -32.56 -4.13
N GLN B 378 -0.70 -31.56 -3.33
CA GLN B 378 -1.85 -31.66 -2.45
C GLN B 378 -2.95 -30.65 -2.78
N ALA B 379 -2.95 -30.09 -3.98
CA ALA B 379 -3.99 -29.12 -4.33
C ALA B 379 -5.34 -29.87 -4.40
N PRO B 380 -6.38 -29.33 -3.76
CA PRO B 380 -7.65 -30.08 -3.69
C PRO B 380 -8.34 -30.31 -5.04
N LYS B 381 -8.96 -31.47 -5.19
CA LYS B 381 -9.84 -31.74 -6.32
C LYS B 381 -11.19 -31.09 -6.03
N VAL B 382 -11.52 -30.08 -6.82
CA VAL B 382 -12.74 -29.31 -6.63
C VAL B 382 -13.46 -29.19 -7.96
N PRO B 383 -14.79 -28.95 -7.93
CA PRO B 383 -15.43 -28.73 -9.22
C PRO B 383 -14.87 -27.48 -9.90
N CYS B 384 -14.61 -27.57 -11.20
CA CYS B 384 -13.98 -26.47 -11.91
C CYS B 384 -14.94 -25.30 -11.92
N GLY B 385 -14.45 -24.13 -11.51
CA GLY B 385 -15.24 -22.91 -11.54
C GLY B 385 -16.35 -22.92 -10.50
N GLY B 386 -16.28 -23.63 -9.49
C1 PEG C . -11.02 -20.35 31.36
O1 PEG C . -9.92 -20.67 30.51
C2 PEG C . -11.95 -19.44 30.57
O2 PEG C . -12.53 -20.15 29.46
C3 PEG C . -13.67 -20.93 29.83
C4 PEG C . -14.95 -20.12 29.69
O4 PEG C . -14.87 -18.90 30.42
C1 EDO D . -10.30 24.96 22.56
O1 EDO D . -10.58 24.36 21.27
C2 EDO D . -10.67 24.01 23.70
O2 EDO D . -10.12 24.42 24.95
C1 EDO E . -18.70 -19.19 -5.05
O1 EDO E . -19.11 -18.93 -6.41
C2 EDO E . -17.28 -19.78 -5.03
O2 EDO E . -16.40 -18.91 -4.29
O1 PG4 F . -13.49 -7.12 -35.95
C1 PG4 F . -12.28 -6.40 -36.22
C2 PG4 F . -11.08 -7.32 -36.54
O2 PG4 F . -11.42 -8.69 -36.39
C3 PG4 F . -10.37 -9.65 -36.52
C4 PG4 F . -10.95 -10.84 -37.29
O3 PG4 F . -10.92 -12.08 -36.59
C5 PG4 F . -12.18 -12.79 -36.55
C6 PG4 F . -13.12 -12.24 -35.46
O4 PG4 F . -13.80 -13.31 -34.77
C7 PG4 F . -14.07 -13.11 -33.36
C8 PG4 F . -15.06 -11.98 -33.12
O5 PG4 F . -16.05 -12.29 -32.13
#